data_6JFP
#
_entry.id   6JFP
#
_cell.length_a   51.296
_cell.length_b   93.353
_cell.length_c   94.057
_cell.angle_alpha   90.00
_cell.angle_beta   104.20
_cell.angle_gamma   90.00
#
_symmetry.space_group_name_H-M   'P 1 21 1'
#
loop_
_entity.id
_entity.type
_entity.pdbx_description
1 polymer 'beta-glucosidase 15'
2 non-polymer beta-D-glucopyranose
3 water water
#
_entity_poly.entity_id   1
_entity_poly.type   'polypeptide(L)'
_entity_poly.pdbx_seq_one_letter_code
;MIKFPDQFLWGAATSAYQIEGSPLADGAGPSIWHRFVHSPGLTAKGETGDIACDHYNRYRDDIALMRSLGLQAYRFSVNW
GRIFPDGTGRLNSAGLDFYERLVDALLEAGIEPLATLYHWDLPAALDDRGGWLNPEIAHWFADYAGAMFERLDGRVKRWA
TLNEPWVITDGGYLHGALAPGHRNVFEAPIASRNLMLAHGAAVQRYRQAGKHEIGLVVNIEPKYPASESDSDRNAAARSD
AYMNRQYLDPAFGLGCPTEMAEIFGPAWRDWTAEELALAAQPIDWLGINYYTRGVMKHDDAKPPVRADYVRQPGATYTET
GWEVFEQGLTETLLWVKERYGDIPLYVTENGSAFDDPPTAQGGRLEDPARVDYLERHLRAVHAAIAGGADVRGYMAWSLL
DNLEWSLGFSKRFGIVHIDFETQQRTPKDSARLYSTVIASNGAVLSESAGAAPRAEPGIASAAEKLAAALEHHHHHH
;
_entity_poly.pdbx_strand_id   B,A
#
# COMPACT_ATOMS: atom_id res chain seq x y z
N ILE A 2 25.72 -24.59 32.54
CA ILE A 2 25.92 -25.86 33.20
C ILE A 2 24.59 -26.63 33.25
N LYS A 3 23.63 -26.29 34.12
CA LYS A 3 22.36 -27.01 34.15
C LYS A 3 21.20 -26.03 34.07
N PHE A 4 20.23 -26.32 33.20
CA PHE A 4 19.04 -25.51 33.03
C PHE A 4 17.98 -25.95 34.02
N PRO A 5 16.94 -25.13 34.23
CA PRO A 5 15.84 -25.58 35.09
C PRO A 5 15.32 -26.93 34.65
N ASP A 6 14.79 -27.70 35.59
CA ASP A 6 14.28 -29.01 35.24
C ASP A 6 12.96 -28.85 34.51
N GLN A 7 12.76 -29.67 33.47
CA GLN A 7 11.62 -29.61 32.56
C GLN A 7 11.69 -28.37 31.65
N PHE A 8 12.90 -27.91 31.34
CA PHE A 8 13.08 -26.85 30.36
C PHE A 8 12.75 -27.39 28.97
N LEU A 9 11.95 -26.65 28.23
CA LEU A 9 11.45 -27.14 26.95
C LEU A 9 12.40 -26.74 25.83
N TRP A 10 12.93 -27.73 25.12
CA TRP A 10 13.86 -27.52 24.02
C TRP A 10 13.14 -27.77 22.70
N GLY A 11 13.26 -26.82 21.77
CA GLY A 11 12.57 -26.96 20.52
C GLY A 11 13.20 -26.10 19.44
N ALA A 12 12.60 -26.20 18.25
CA ALA A 12 12.95 -25.39 17.10
C ALA A 12 11.68 -24.76 16.54
N ALA A 13 11.88 -23.71 15.74
CA ALA A 13 10.79 -22.84 15.29
C ALA A 13 10.80 -22.66 13.79
N THR A 14 9.60 -22.58 13.20
CA THR A 14 9.43 -22.28 11.79
C THR A 14 8.30 -21.28 11.64
N SER A 15 7.91 -21.03 10.40
CA SER A 15 6.72 -20.24 10.12
C SER A 15 6.11 -20.78 8.83
N ALA A 16 4.79 -20.62 8.72
CA ALA A 16 4.02 -21.25 7.66
C ALA A 16 4.59 -20.93 6.30
N TYR A 17 4.53 -19.67 5.90
CA TYR A 17 4.94 -19.34 4.54
C TYR A 17 6.40 -19.67 4.28
N GLN A 18 7.25 -19.56 5.30
CA GLN A 18 8.67 -19.68 5.05
C GLN A 18 9.13 -21.11 4.75
N ILE A 19 8.32 -22.13 5.07
CA ILE A 19 8.74 -23.51 4.82
C ILE A 19 7.71 -24.28 4.02
N GLU A 20 6.42 -23.97 4.21
CA GLU A 20 5.36 -24.86 3.77
C GLU A 20 5.35 -25.03 2.25
N GLY A 21 5.42 -23.94 1.52
CA GLY A 21 5.14 -24.06 0.11
C GLY A 21 3.68 -24.39 -0.12
N SER A 22 3.39 -24.81 -1.36
CA SER A 22 2.04 -25.17 -1.79
C SER A 22 1.04 -24.14 -1.35
N PRO A 23 1.22 -22.86 -1.64
CA PRO A 23 0.38 -21.82 -1.03
C PRO A 23 -1.08 -21.89 -1.44
N LEU A 24 -1.40 -22.56 -2.55
CA LEU A 24 -2.77 -22.58 -3.05
C LEU A 24 -3.37 -23.97 -3.10
N ALA A 25 -2.69 -24.97 -2.54
CA ALA A 25 -3.21 -26.32 -2.59
C ALA A 25 -4.42 -26.49 -1.66
N ASP A 26 -5.35 -27.35 -2.09
CA ASP A 26 -6.50 -27.72 -1.29
C ASP A 26 -7.35 -26.52 -0.91
N GLY A 27 -7.55 -25.61 -1.87
CA GLY A 27 -8.46 -24.50 -1.68
C GLY A 27 -7.98 -23.40 -0.76
N ALA A 28 -6.66 -23.26 -0.58
CA ALA A 28 -6.12 -22.21 0.26
C ALA A 28 -6.22 -20.86 -0.43
N GLY A 29 -6.60 -19.85 0.33
CA GLY A 29 -6.59 -18.49 -0.18
C GLY A 29 -5.18 -17.95 -0.23
N PRO A 30 -4.89 -17.12 -1.22
CA PRO A 30 -3.56 -16.50 -1.29
C PRO A 30 -3.35 -15.50 -0.16
N SER A 31 -2.09 -15.28 0.18
CA SER A 31 -1.70 -14.35 1.23
C SER A 31 -1.08 -13.11 0.61
N ILE A 32 -0.87 -12.10 1.46
CA ILE A 32 -0.22 -10.87 1.01
C ILE A 32 1.20 -11.16 0.57
N TRP A 33 1.82 -12.21 1.10
CA TRP A 33 3.19 -12.54 0.72
C TRP A 33 3.25 -13.19 -0.64
N HIS A 34 2.19 -13.89 -1.05
CA HIS A 34 2.12 -14.39 -2.42
C HIS A 34 2.16 -13.23 -3.42
N ARG A 35 1.18 -12.32 -3.30
CA ARG A 35 1.15 -11.11 -4.13
C ARG A 35 2.47 -10.35 -4.06
N PHE A 36 3.06 -10.29 -2.87
CA PHE A 36 4.31 -9.54 -2.71
C PHE A 36 5.45 -10.18 -3.49
N VAL A 37 5.74 -11.45 -3.22
CA VAL A 37 6.88 -12.11 -3.85
C VAL A 37 6.69 -12.26 -5.35
N HIS A 38 5.46 -12.26 -5.84
CA HIS A 38 5.28 -12.44 -7.28
C HIS A 38 5.16 -11.14 -8.05
N SER A 39 5.26 -9.97 -7.37
CA SER A 39 5.36 -8.75 -8.16
C SER A 39 6.82 -8.38 -8.33
N PRO A 40 7.28 -8.16 -9.56
CA PRO A 40 8.72 -7.98 -9.79
C PRO A 40 9.27 -6.80 -9.00
N GLY A 41 10.55 -6.89 -8.66
CA GLY A 41 11.26 -5.80 -8.03
C GLY A 41 11.17 -5.75 -6.52
N LEU A 42 10.21 -6.45 -5.90
CA LEU A 42 9.97 -6.25 -4.47
C LEU A 42 10.89 -7.09 -3.58
N THR A 43 11.55 -8.13 -4.10
CA THR A 43 12.44 -8.98 -3.30
C THR A 43 13.82 -9.03 -3.91
N ALA A 44 14.79 -9.50 -3.11
CA ALA A 44 16.20 -9.43 -3.49
C ALA A 44 16.46 -10.09 -4.84
N LYS A 45 16.11 -11.37 -4.96
CA LYS A 45 16.31 -12.12 -6.20
C LYS A 45 15.01 -12.58 -6.83
N GLY A 46 13.86 -12.11 -6.34
CA GLY A 46 12.62 -12.64 -6.84
C GLY A 46 12.32 -14.05 -6.43
N GLU A 47 12.91 -14.52 -5.32
CA GLU A 47 12.62 -15.85 -4.83
C GLU A 47 11.32 -15.85 -4.02
N THR A 48 10.52 -16.89 -4.21
CA THR A 48 9.18 -16.98 -3.66
C THR A 48 9.09 -18.11 -2.63
N GLY A 49 7.90 -18.27 -2.05
CA GLY A 49 7.64 -19.40 -1.18
C GLY A 49 6.70 -20.41 -1.81
N ASP A 50 6.67 -20.44 -3.14
CA ASP A 50 5.81 -21.38 -3.86
C ASP A 50 6.15 -22.82 -3.52
N ILE A 51 7.44 -23.12 -3.41
CA ILE A 51 7.94 -24.41 -2.96
C ILE A 51 8.52 -24.32 -1.55
N ALA A 52 9.40 -23.33 -1.31
CA ALA A 52 10.12 -23.21 -0.06
C ALA A 52 10.82 -24.54 0.23
N CYS A 53 10.51 -25.14 1.38
CA CYS A 53 11.05 -26.45 1.72
C CYS A 53 10.06 -27.57 1.42
N ASP A 54 9.01 -27.31 0.65
CA ASP A 54 7.96 -28.30 0.38
C ASP A 54 7.48 -28.99 1.66
N HIS A 55 7.50 -28.25 2.76
CA HIS A 55 7.13 -28.84 4.04
C HIS A 55 5.68 -29.31 4.05
N TYR A 56 4.81 -28.61 3.31
CA TYR A 56 3.39 -28.96 3.25
C TYR A 56 3.20 -30.44 2.87
N ASN A 57 4.02 -30.93 1.95
CA ASN A 57 3.93 -32.32 1.53
C ASN A 57 4.80 -33.25 2.37
N ARG A 58 5.75 -32.71 3.14
CA ARG A 58 6.76 -33.52 3.81
C ARG A 58 6.72 -33.41 5.34
N TYR A 59 5.57 -33.03 5.92
CA TYR A 59 5.55 -32.78 7.36
C TYR A 59 5.84 -34.04 8.16
N ARG A 60 5.50 -35.22 7.61
CA ARG A 60 5.81 -36.45 8.32
C ARG A 60 7.32 -36.70 8.37
N ASP A 61 8.03 -36.44 7.26
CA ASP A 61 9.49 -36.61 7.25
C ASP A 61 10.16 -35.58 8.16
N ASP A 62 9.66 -34.35 8.17
CA ASP A 62 10.21 -33.33 9.06
C ASP A 62 9.96 -33.66 10.52
N ILE A 63 8.78 -34.21 10.83
CA ILE A 63 8.51 -34.59 12.21
C ILE A 63 9.39 -35.77 12.63
N ALA A 64 9.53 -36.76 11.75
CA ALA A 64 10.49 -37.83 12.02
C ALA A 64 11.89 -37.29 12.23
N LEU A 65 12.28 -36.27 11.45
CA LEU A 65 13.59 -35.67 11.63
C LEU A 65 13.68 -34.97 12.99
N MET A 66 12.62 -34.31 13.39
CA MET A 66 12.58 -33.68 14.71
C MET A 66 12.70 -34.71 15.83
N ARG A 67 12.14 -35.91 15.62
CA ARG A 67 12.33 -36.98 16.61
C ARG A 67 13.76 -37.49 16.60
N SER A 68 14.36 -37.58 15.41
CA SER A 68 15.76 -37.97 15.27
C SER A 68 16.68 -37.00 16.01
N LEU A 69 16.35 -35.71 15.99
CA LEU A 69 17.18 -34.74 16.68
C LEU A 69 16.86 -34.62 18.17
N GLY A 70 15.90 -35.40 18.67
CA GLY A 70 15.60 -35.40 20.09
C GLY A 70 14.89 -34.14 20.55
N LEU A 71 14.06 -33.55 19.70
CA LEU A 71 13.38 -32.31 20.05
C LEU A 71 12.14 -32.57 20.91
N GLN A 72 11.88 -31.64 21.82
CA GLN A 72 10.75 -31.74 22.74
C GLN A 72 9.60 -30.81 22.36
N ALA A 73 9.87 -29.75 21.60
CA ALA A 73 8.85 -28.81 21.17
C ALA A 73 9.10 -28.42 19.73
N TYR A 74 8.03 -27.97 19.08
CA TYR A 74 8.12 -27.47 17.70
C TYR A 74 7.21 -26.25 17.59
N ARG A 75 7.77 -25.13 17.14
CA ARG A 75 7.04 -23.87 17.04
C ARG A 75 6.78 -23.58 15.56
N PHE A 76 5.51 -23.52 15.19
CA PHE A 76 5.09 -23.31 13.82
C PHE A 76 4.03 -22.20 13.79
N SER A 77 3.68 -21.77 12.59
CA SER A 77 2.61 -20.81 12.40
C SER A 77 1.56 -21.38 11.44
N VAL A 78 0.36 -20.83 11.52
CA VAL A 78 -0.78 -21.27 10.73
C VAL A 78 -1.04 -20.26 9.62
N ASN A 79 -1.14 -20.75 8.39
CA ASN A 79 -1.47 -19.90 7.25
C ASN A 79 -2.98 -19.65 7.30
N TRP A 80 -3.35 -18.44 7.74
CA TRP A 80 -4.75 -18.04 7.83
C TRP A 80 -5.51 -18.34 6.53
N GLY A 81 -4.85 -18.16 5.38
CA GLY A 81 -5.53 -18.41 4.12
C GLY A 81 -5.86 -19.86 3.88
N ARG A 82 -5.13 -20.77 4.52
CA ARG A 82 -5.51 -22.18 4.51
C ARG A 82 -6.72 -22.46 5.41
N ILE A 83 -7.01 -21.57 6.37
CA ILE A 83 -8.15 -21.78 7.24
C ILE A 83 -9.37 -21.14 6.60
N PHE A 84 -9.31 -19.83 6.38
CA PHE A 84 -10.36 -19.08 5.71
C PHE A 84 -9.79 -18.49 4.43
N PRO A 85 -10.05 -19.12 3.28
CA PRO A 85 -9.50 -18.58 2.02
C PRO A 85 -9.93 -17.15 1.75
N ASP A 86 -11.11 -16.75 2.18
CA ASP A 86 -11.55 -15.36 2.09
C ASP A 86 -11.19 -14.56 3.34
N GLY A 87 -10.48 -15.17 4.30
CA GLY A 87 -10.18 -14.54 5.57
C GLY A 87 -11.36 -14.51 6.51
N THR A 88 -12.56 -14.55 5.95
CA THR A 88 -13.80 -14.60 6.71
C THR A 88 -14.76 -15.51 5.97
N GLY A 89 -15.85 -15.84 6.63
CA GLY A 89 -16.86 -16.64 5.96
C GLY A 89 -16.47 -18.10 5.82
N ARG A 90 -16.45 -18.57 4.57
CA ARG A 90 -16.28 -19.99 4.28
C ARG A 90 -14.95 -20.54 4.77
N LEU A 91 -15.02 -21.71 5.38
CA LEU A 91 -13.88 -22.39 5.97
C LEU A 91 -13.61 -23.65 5.15
N ASN A 92 -12.45 -23.69 4.47
CA ASN A 92 -12.04 -24.90 3.76
C ASN A 92 -11.33 -25.77 4.80
N SER A 93 -11.87 -26.96 5.02
CA SER A 93 -11.34 -27.77 6.11
C SER A 93 -10.22 -28.69 5.67
N ALA A 94 -9.80 -28.62 4.41
CA ALA A 94 -8.60 -29.33 4.00
C ALA A 94 -7.36 -28.73 4.67
N GLY A 95 -7.24 -27.40 4.68
CA GLY A 95 -6.11 -26.78 5.35
C GLY A 95 -6.20 -26.92 6.86
N LEU A 96 -7.42 -26.80 7.40
CA LEU A 96 -7.61 -26.98 8.82
C LEU A 96 -7.22 -28.40 9.21
N ASP A 97 -7.55 -29.36 8.35
CA ASP A 97 -7.19 -30.74 8.61
C ASP A 97 -5.69 -30.93 8.50
N PHE A 98 -5.03 -30.20 7.60
CA PHE A 98 -3.58 -30.32 7.55
C PHE A 98 -2.99 -29.90 8.88
N TYR A 99 -3.45 -28.79 9.42
CA TYR A 99 -2.89 -28.34 10.70
C TYR A 99 -3.21 -29.34 11.81
N GLU A 100 -4.42 -29.94 11.79
CA GLU A 100 -4.78 -30.89 12.83
C GLU A 100 -3.95 -32.16 12.74
N ARG A 101 -3.66 -32.60 11.51
CA ARG A 101 -2.78 -33.73 11.33
C ARG A 101 -1.36 -33.40 11.75
N LEU A 102 -0.88 -32.21 11.41
CA LEU A 102 0.45 -31.82 11.84
C LEU A 102 0.57 -31.94 13.34
N VAL A 103 -0.39 -31.39 14.07
CA VAL A 103 -0.36 -31.49 15.53
C VAL A 103 -0.50 -32.94 15.99
N ASP A 104 -1.29 -33.73 15.28
CA ASP A 104 -1.45 -35.13 15.65
C ASP A 104 -0.12 -35.86 15.57
N ALA A 105 0.55 -35.74 14.42
CA ALA A 105 1.85 -36.38 14.23
C ALA A 105 2.90 -35.83 15.19
N LEU A 106 2.84 -34.53 15.49
CA LEU A 106 3.75 -33.97 16.47
C LEU A 106 3.56 -34.62 17.83
N LEU A 107 2.29 -34.75 18.26
CA LEU A 107 2.00 -35.27 19.59
C LEU A 107 2.26 -36.77 19.69
N GLU A 108 2.11 -37.53 18.60
CA GLU A 108 2.40 -38.95 18.69
C GLU A 108 3.89 -39.26 18.53
N ALA A 109 4.72 -38.24 18.32
CA ALA A 109 6.17 -38.39 18.47
C ALA A 109 6.68 -37.78 19.76
N GLY A 110 5.78 -37.43 20.68
CA GLY A 110 6.19 -36.89 21.96
C GLY A 110 6.57 -35.43 21.96
N ILE A 111 6.29 -34.70 20.87
CA ILE A 111 6.72 -33.30 20.71
C ILE A 111 5.57 -32.38 21.04
N GLU A 112 5.83 -31.38 21.87
CA GLU A 112 4.81 -30.42 22.26
C GLU A 112 4.68 -29.35 21.17
N PRO A 113 3.53 -29.28 20.50
CA PRO A 113 3.34 -28.31 19.41
C PRO A 113 3.07 -26.91 19.94
N LEU A 114 3.80 -25.93 19.41
CA LEU A 114 3.57 -24.52 19.73
C LEU A 114 3.12 -23.79 18.47
N ALA A 115 1.99 -23.08 18.55
CA ALA A 115 1.32 -22.54 17.38
C ALA A 115 1.37 -21.03 17.39
N THR A 116 1.83 -20.45 16.29
CA THR A 116 1.74 -19.03 16.01
C THR A 116 0.56 -18.82 15.07
N LEU A 117 -0.47 -18.12 15.53
CA LEU A 117 -1.64 -17.97 14.66
C LEU A 117 -1.39 -16.94 13.55
N TYR A 118 -0.73 -15.83 13.86
CA TYR A 118 -0.37 -14.86 12.83
C TYR A 118 1.15 -14.73 12.79
N HIS A 119 1.75 -15.18 11.69
CA HIS A 119 3.17 -14.97 11.43
C HIS A 119 3.33 -14.42 10.02
N TRP A 120 2.69 -13.28 9.78
CA TRP A 120 2.90 -12.34 8.68
C TRP A 120 2.14 -12.67 7.39
N ASP A 121 1.46 -13.79 7.28
CA ASP A 121 0.86 -14.20 6.01
C ASP A 121 -0.65 -13.97 6.00
N LEU A 122 -1.03 -12.72 6.26
CA LEU A 122 -2.44 -12.35 6.22
C LEU A 122 -3.03 -12.66 4.84
N PRO A 123 -4.22 -13.24 4.77
CA PRO A 123 -4.82 -13.52 3.46
C PRO A 123 -4.98 -12.26 2.64
N ALA A 124 -4.87 -12.41 1.31
CA ALA A 124 -5.03 -11.27 0.42
C ALA A 124 -6.46 -10.74 0.43
N ALA A 125 -7.43 -11.60 0.75
CA ALA A 125 -8.83 -11.16 0.76
C ALA A 125 -9.06 -10.11 1.82
N LEU A 126 -8.40 -10.23 2.97
CA LEU A 126 -8.55 -9.22 4.02
C LEU A 126 -7.65 -8.01 3.79
N ASP A 127 -6.59 -8.18 3.00
CA ASP A 127 -5.84 -7.01 2.52
C ASP A 127 -6.69 -6.17 1.59
N ASP A 128 -7.42 -6.84 0.69
CA ASP A 128 -8.36 -6.16 -0.17
C ASP A 128 -9.38 -5.36 0.62
N ARG A 129 -9.66 -5.75 1.85
CA ARG A 129 -10.65 -5.05 2.67
C ARG A 129 -9.99 -4.25 3.80
N GLY A 130 -8.76 -3.82 3.59
CA GLY A 130 -8.09 -2.90 4.48
C GLY A 130 -6.87 -3.47 5.18
N GLY A 131 -6.73 -4.79 5.23
CA GLY A 131 -5.61 -5.37 5.95
C GLY A 131 -5.59 -4.90 7.38
N TRP A 132 -4.39 -4.54 7.86
CA TRP A 132 -4.22 -4.07 9.23
C TRP A 132 -4.56 -2.59 9.40
N LEU A 133 -5.13 -1.96 8.37
CA LEU A 133 -5.68 -0.61 8.50
C LEU A 133 -7.10 -0.61 9.03
N ASN A 134 -7.87 -1.65 8.73
CA ASN A 134 -9.28 -1.72 9.10
C ASN A 134 -9.41 -2.25 10.52
N PRO A 135 -10.07 -1.54 11.43
CA PRO A 135 -10.19 -2.03 12.82
C PRO A 135 -11.06 -3.26 12.97
N GLU A 136 -11.95 -3.53 12.01
CA GLU A 136 -12.71 -4.77 12.00
C GLU A 136 -11.79 -5.99 12.07
N ILE A 137 -10.49 -5.79 11.85
CA ILE A 137 -9.50 -6.86 11.94
C ILE A 137 -9.61 -7.57 13.28
N ALA A 138 -9.89 -6.83 14.37
CA ALA A 138 -10.01 -7.49 15.66
C ALA A 138 -11.02 -8.63 15.58
N HIS A 139 -12.21 -8.33 15.02
CA HIS A 139 -13.21 -9.37 14.85
C HIS A 139 -12.68 -10.46 13.95
N TRP A 140 -12.13 -10.07 12.80
CA TRP A 140 -11.65 -11.08 11.86
C TRP A 140 -10.59 -11.95 12.49
N PHE A 141 -9.79 -11.40 13.41
CA PHE A 141 -8.77 -12.22 14.03
C PHE A 141 -9.40 -13.22 14.97
N ALA A 142 -10.33 -12.76 15.83
CA ALA A 142 -10.90 -13.64 16.83
C ALA A 142 -11.58 -14.84 16.17
N ASP A 143 -12.42 -14.57 15.17
CA ASP A 143 -13.09 -15.65 14.46
C ASP A 143 -12.09 -16.62 13.86
N TYR A 144 -10.98 -16.12 13.34
CA TYR A 144 -9.92 -17.01 12.91
C TYR A 144 -9.39 -17.82 14.10
N ALA A 145 -8.84 -17.11 15.09
CA ALA A 145 -8.32 -17.77 16.28
C ALA A 145 -9.34 -18.72 16.90
N GLY A 146 -10.58 -18.24 17.04
CA GLY A 146 -11.62 -19.08 17.62
C GLY A 146 -11.67 -20.45 16.97
N ALA A 147 -11.78 -20.47 15.63
CA ALA A 147 -11.88 -21.75 14.95
C ALA A 147 -10.70 -22.64 15.31
N MET A 148 -9.49 -22.07 15.27
CA MET A 148 -8.30 -22.84 15.59
C MET A 148 -8.41 -23.45 16.97
N PHE A 149 -8.81 -22.65 17.97
CA PHE A 149 -8.97 -23.22 19.30
C PHE A 149 -9.95 -24.36 19.25
N GLU A 150 -11.12 -24.13 18.65
CA GLU A 150 -12.19 -25.11 18.61
C GLU A 150 -11.71 -26.43 18.01
N ARG A 151 -10.57 -26.41 17.33
CA ARG A 151 -10.12 -27.63 16.70
C ARG A 151 -9.00 -28.28 17.48
N LEU A 152 -8.02 -27.49 17.96
CA LEU A 152 -6.87 -28.12 18.59
C LEU A 152 -6.50 -27.54 19.96
N ASP A 153 -7.42 -26.89 20.69
CA ASP A 153 -7.00 -26.26 21.95
C ASP A 153 -6.56 -27.28 22.99
N GLY A 154 -7.14 -28.48 22.97
CA GLY A 154 -6.69 -29.50 23.89
C GLY A 154 -5.27 -29.93 23.59
N ARG A 155 -4.98 -30.24 22.32
CA ARG A 155 -3.63 -30.67 22.00
C ARG A 155 -2.58 -29.55 21.94
N VAL A 156 -2.84 -28.44 21.20
CA VAL A 156 -1.89 -27.33 21.24
C VAL A 156 -2.25 -26.60 22.53
N LYS A 157 -1.25 -26.38 23.35
CA LYS A 157 -1.47 -25.97 24.69
C LYS A 157 -0.72 -24.71 24.98
N ARG A 158 0.10 -24.26 24.03
CA ARG A 158 0.80 -22.97 24.14
C ARG A 158 0.57 -22.25 22.83
N TRP A 159 -0.23 -21.18 22.86
CA TRP A 159 -0.55 -20.38 21.69
C TRP A 159 0.06 -18.99 21.79
N ALA A 160 0.48 -18.46 20.64
CA ALA A 160 0.90 -17.08 20.50
C ALA A 160 -0.01 -16.38 19.48
N THR A 161 -0.43 -15.16 19.80
CA THR A 161 -1.29 -14.42 18.89
C THR A 161 -0.51 -13.93 17.67
N LEU A 162 0.47 -13.04 17.89
CA LEU A 162 1.21 -12.39 16.81
C LEU A 162 2.70 -12.68 16.95
N ASN A 163 3.38 -12.72 15.80
CA ASN A 163 4.84 -12.87 15.77
C ASN A 163 5.45 -11.57 15.29
N GLU A 164 6.22 -10.91 16.18
CA GLU A 164 6.97 -9.70 15.87
C GLU A 164 6.08 -8.65 15.21
N PRO A 165 5.15 -8.03 15.94
CA PRO A 165 4.35 -6.96 15.34
C PRO A 165 5.19 -5.80 14.85
N TRP A 166 6.37 -5.60 15.45
CA TRP A 166 7.22 -4.48 15.04
C TRP A 166 7.79 -4.71 13.65
N VAL A 167 8.22 -5.93 13.34
CA VAL A 167 8.67 -6.19 11.99
C VAL A 167 7.51 -6.08 11.02
N ILE A 168 6.33 -6.58 11.43
CA ILE A 168 5.13 -6.47 10.62
C ILE A 168 4.89 -5.02 10.19
N THR A 169 4.86 -4.10 11.16
CA THR A 169 4.55 -2.72 10.84
C THR A 169 5.71 -2.00 10.17
N ASP A 170 6.90 -2.03 10.78
CA ASP A 170 8.03 -1.26 10.28
C ASP A 170 8.43 -1.69 8.86
N GLY A 171 8.34 -2.99 8.57
CA GLY A 171 8.71 -3.46 7.25
C GLY A 171 7.57 -3.44 6.28
N GLY A 172 6.36 -3.79 6.74
CA GLY A 172 5.23 -3.91 5.86
C GLY A 172 4.47 -2.63 5.60
N TYR A 173 4.53 -1.68 6.53
CA TYR A 173 3.72 -0.48 6.46
C TYR A 173 4.50 0.82 6.52
N LEU A 174 5.71 0.84 7.07
CA LEU A 174 6.50 2.05 7.13
C LEU A 174 7.50 2.17 5.99
N HIS A 175 8.22 1.09 5.66
CA HIS A 175 9.20 1.13 4.60
C HIS A 175 8.88 0.20 3.44
N GLY A 176 7.77 -0.53 3.50
CA GLY A 176 7.38 -1.36 2.38
C GLY A 176 8.37 -2.43 1.98
N ALA A 177 9.31 -2.79 2.87
CA ALA A 177 10.27 -3.85 2.60
C ALA A 177 9.67 -5.23 2.71
N LEU A 178 8.53 -5.35 3.39
CA LEU A 178 7.82 -6.61 3.53
C LEU A 178 6.37 -6.41 3.12
N ALA A 179 5.70 -7.53 2.88
CA ALA A 179 4.30 -7.49 2.50
C ALA A 179 3.48 -6.74 3.55
N PRO A 180 2.47 -5.96 3.16
CA PRO A 180 2.00 -5.82 1.77
C PRO A 180 2.61 -4.62 1.06
N GLY A 181 3.81 -4.21 1.47
CA GLY A 181 4.56 -3.20 0.74
C GLY A 181 4.07 -1.77 0.85
N HIS A 182 3.59 -1.37 2.03
CA HIS A 182 3.09 -0.02 2.25
C HIS A 182 4.23 0.86 2.76
N ARG A 183 4.22 2.13 2.32
CA ARG A 183 5.23 3.13 2.70
C ARG A 183 4.50 4.42 3.12
N ASN A 184 4.07 4.49 4.37
CA ASN A 184 3.30 5.63 4.83
C ASN A 184 3.45 5.79 6.34
N VAL A 185 3.86 6.99 6.78
CA VAL A 185 4.08 7.19 8.22
C VAL A 185 2.77 7.19 8.99
N PHE A 186 1.65 7.51 8.34
CA PHE A 186 0.40 7.53 9.07
C PHE A 186 -0.12 6.12 9.32
N GLU A 187 0.22 5.19 8.42
CA GLU A 187 -0.33 3.84 8.49
C GLU A 187 0.33 3.01 9.59
N ALA A 188 1.64 3.14 9.75
CA ALA A 188 2.35 2.29 10.72
C ALA A 188 1.73 2.30 12.11
N PRO A 189 1.40 3.45 12.73
CA PRO A 189 0.75 3.39 14.05
C PRO A 189 -0.66 2.84 14.01
N ILE A 190 -1.39 3.04 12.91
CA ILE A 190 -2.72 2.47 12.78
C ILE A 190 -2.63 0.95 12.80
N ALA A 191 -1.73 0.40 11.98
CA ALA A 191 -1.54 -1.05 11.93
C ALA A 191 -1.04 -1.59 13.25
N SER A 192 -0.18 -0.85 13.96
CA SER A 192 0.28 -1.28 15.26
C SER A 192 -0.87 -1.41 16.24
N ARG A 193 -1.70 -0.36 16.33
CA ARG A 193 -2.85 -0.44 17.22
C ARG A 193 -3.76 -1.59 16.84
N ASN A 194 -4.08 -1.72 15.56
CA ASN A 194 -5.04 -2.75 15.14
C ASN A 194 -4.49 -4.15 15.34
N LEU A 195 -3.18 -4.34 15.18
CA LEU A 195 -2.55 -5.60 15.56
C LEU A 195 -2.78 -5.90 17.03
N MET A 196 -2.55 -4.91 17.90
CA MET A 196 -2.74 -5.15 19.33
C MET A 196 -4.21 -5.39 19.66
N LEU A 197 -5.13 -4.77 18.93
CA LEU A 197 -6.55 -4.99 19.17
C LEU A 197 -6.94 -6.40 18.75
N ALA A 198 -6.43 -6.86 17.61
CA ALA A 198 -6.65 -8.26 17.23
C ALA A 198 -6.09 -9.20 18.28
N HIS A 199 -4.91 -8.89 18.80
CA HIS A 199 -4.32 -9.68 19.88
C HIS A 199 -5.25 -9.77 21.10
N GLY A 200 -5.71 -8.62 21.59
CA GLY A 200 -6.59 -8.64 22.74
C GLY A 200 -7.89 -9.38 22.50
N ALA A 201 -8.48 -9.20 21.32
CA ALA A 201 -9.72 -9.88 21.00
C ALA A 201 -9.52 -11.39 20.95
N ALA A 202 -8.37 -11.82 20.43
CA ALA A 202 -8.07 -13.25 20.39
C ALA A 202 -7.86 -13.80 21.80
N VAL A 203 -7.21 -13.03 22.67
CA VAL A 203 -7.02 -13.49 24.05
C VAL A 203 -8.37 -13.64 24.74
N GLN A 204 -9.28 -12.70 24.53
CA GLN A 204 -10.62 -12.80 25.12
C GLN A 204 -11.36 -14.03 24.59
N ARG A 205 -11.36 -14.22 23.27
CA ARG A 205 -11.99 -15.38 22.68
C ARG A 205 -11.44 -16.67 23.26
N TYR A 206 -10.11 -16.71 23.46
CA TYR A 206 -9.51 -17.90 24.04
C TYR A 206 -9.97 -18.10 25.47
N ARG A 207 -10.07 -17.01 26.24
CA ARG A 207 -10.52 -17.13 27.63
C ARG A 207 -11.93 -17.69 27.71
N GLN A 208 -12.77 -17.36 26.73
CA GLN A 208 -14.09 -17.99 26.76
C GLN A 208 -14.03 -19.44 26.28
N ALA A 209 -13.16 -19.75 25.30
CA ALA A 209 -13.19 -21.07 24.67
C ALA A 209 -12.06 -22.00 25.07
N GLY A 210 -10.94 -21.50 25.61
CA GLY A 210 -9.73 -22.26 25.77
C GLY A 210 -9.42 -22.57 27.23
N LYS A 211 -8.68 -23.67 27.44
CA LYS A 211 -8.33 -24.12 28.78
C LYS A 211 -6.84 -24.04 29.11
N HIS A 212 -5.96 -23.88 28.13
CA HIS A 212 -4.52 -23.96 28.35
C HIS A 212 -3.92 -22.56 28.32
N GLU A 213 -2.80 -22.32 27.62
CA GLU A 213 -2.00 -21.12 27.75
C GLU A 213 -2.06 -20.32 26.45
N ILE A 214 -2.03 -18.98 26.57
CA ILE A 214 -1.96 -18.11 25.40
C ILE A 214 -1.09 -16.89 25.72
N GLY A 215 -0.30 -16.46 24.74
CA GLY A 215 0.64 -15.36 24.94
C GLY A 215 0.96 -14.60 23.67
N LEU A 216 2.08 -13.89 23.66
CA LEU A 216 2.45 -13.04 22.53
C LEU A 216 3.94 -13.14 22.27
N VAL A 217 4.33 -12.94 21.02
CA VAL A 217 5.72 -13.04 20.59
C VAL A 217 6.16 -11.70 20.04
N VAL A 218 7.16 -11.11 20.69
CA VAL A 218 7.75 -9.86 20.25
C VAL A 218 9.23 -10.08 20.02
N ASN A 219 9.79 -9.34 19.07
CA ASN A 219 11.23 -9.23 18.94
C ASN A 219 11.74 -8.05 19.74
N ILE A 220 12.93 -8.20 20.29
CA ILE A 220 13.59 -7.14 21.06
C ILE A 220 15.04 -7.05 20.60
N GLU A 221 15.50 -5.83 20.37
CA GLU A 221 16.87 -5.58 19.94
C GLU A 221 17.40 -4.45 20.80
N PRO A 222 18.29 -4.75 21.75
CA PRO A 222 18.81 -3.69 22.63
C PRO A 222 19.46 -2.56 21.84
N LYS A 223 19.50 -1.40 22.46
CA LYS A 223 19.97 -0.19 21.80
C LYS A 223 21.14 0.41 22.56
N TYR A 224 22.11 0.90 21.81
CA TYR A 224 23.33 1.49 22.33
C TYR A 224 23.62 2.73 21.51
N PRO A 225 23.99 3.84 22.15
CA PRO A 225 24.39 5.02 21.39
C PRO A 225 25.67 4.78 20.59
N ALA A 226 25.69 5.32 19.37
CA ALA A 226 26.87 5.18 18.51
C ALA A 226 28.01 6.07 19.00
N SER A 227 27.68 7.24 19.51
CA SER A 227 28.59 8.11 20.23
C SER A 227 27.90 8.55 21.51
N GLU A 228 28.60 9.32 22.33
CA GLU A 228 27.97 9.92 23.50
C GLU A 228 27.41 11.32 23.19
N SER A 229 27.28 11.66 21.91
CA SER A 229 26.52 12.84 21.47
C SER A 229 25.10 12.80 22.00
N ASP A 230 24.55 14.00 22.23
CA ASP A 230 23.14 14.09 22.63
C ASP A 230 22.24 13.49 21.56
N SER A 231 22.58 13.68 20.28
CA SER A 231 21.68 13.22 19.23
C SER A 231 21.81 11.71 19.01
N ASP A 232 23.01 11.15 19.17
CA ASP A 232 23.16 9.69 19.10
C ASP A 232 22.48 9.02 20.28
N ARG A 233 22.61 9.61 21.48
CA ARG A 233 21.95 9.06 22.65
C ARG A 233 20.43 9.13 22.52
N ASN A 234 19.92 10.28 22.09
CA ASN A 234 18.47 10.41 21.90
C ASN A 234 17.97 9.48 20.80
N ALA A 235 18.75 9.32 19.73
CA ALA A 235 18.38 8.36 18.70
C ALA A 235 18.30 6.94 19.26
N ALA A 236 19.27 6.55 20.09
CA ALA A 236 19.25 5.20 20.66
C ALA A 236 18.02 5.00 21.53
N ALA A 237 17.72 5.98 22.39
CA ALA A 237 16.54 5.86 23.24
C ALA A 237 15.25 5.90 22.43
N ARG A 238 15.27 6.60 21.29
CA ARG A 238 14.07 6.71 20.48
C ARG A 238 13.80 5.40 19.73
N SER A 239 14.85 4.81 19.17
CA SER A 239 14.73 3.47 18.60
C SER A 239 14.33 2.46 19.67
N ASP A 240 14.90 2.56 20.88
CA ASP A 240 14.57 1.62 21.94
C ASP A 240 13.09 1.66 22.28
N ALA A 241 12.53 2.87 22.39
CA ALA A 241 11.11 2.98 22.67
C ALA A 241 10.29 2.50 21.47
N TYR A 242 10.63 2.98 20.27
CA TYR A 242 9.85 2.66 19.08
C TYR A 242 9.85 1.17 18.77
N MET A 243 10.90 0.46 19.14
CA MET A 243 11.06 -0.93 18.76
C MET A 243 10.78 -1.91 19.90
N ASN A 244 11.35 -1.66 21.07
CA ASN A 244 11.27 -2.62 22.16
C ASN A 244 9.97 -2.47 22.97
N ARG A 245 9.53 -1.24 23.20
CA ARG A 245 8.47 -0.97 24.16
C ARG A 245 7.11 -0.69 23.52
N GLN A 246 7.08 -0.38 22.22
CA GLN A 246 5.83 0.03 21.57
C GLN A 246 4.74 -1.00 21.71
N TYR A 247 5.09 -2.28 21.84
CA TYR A 247 4.09 -3.35 21.87
C TYR A 247 3.94 -4.03 23.22
N LEU A 248 5.01 -4.12 24.02
CA LEU A 248 4.85 -4.78 25.32
C LEU A 248 4.12 -3.89 26.32
N ASP A 249 4.35 -2.59 26.24
CA ASP A 249 3.64 -1.66 27.13
C ASP A 249 2.13 -1.72 26.95
N PRO A 250 1.58 -1.69 25.73
CA PRO A 250 0.13 -1.87 25.60
C PRO A 250 -0.34 -3.23 26.10
N ALA A 251 0.31 -4.31 25.66
CA ALA A 251 -0.10 -5.66 26.04
C ALA A 251 -0.13 -5.83 27.56
N PHE A 252 0.79 -5.18 28.26
CA PHE A 252 0.85 -5.22 29.72
C PHE A 252 0.18 -4.01 30.36
N GLY A 253 -0.63 -3.27 29.61
CA GLY A 253 -1.41 -2.18 30.17
C GLY A 253 -0.60 -1.02 30.72
N LEU A 254 0.48 -0.66 30.04
CA LEU A 254 1.24 0.53 30.38
C LEU A 254 1.07 1.64 29.35
N GLY A 255 -0.07 1.65 28.67
CA GLY A 255 -0.24 2.65 27.62
C GLY A 255 0.78 2.48 26.50
N CYS A 256 1.01 3.58 25.78
CA CYS A 256 2.02 3.56 24.73
C CYS A 256 3.10 4.59 25.01
N PRO A 257 4.32 4.35 24.56
CA PRO A 257 5.44 5.24 24.92
C PRO A 257 5.29 6.64 24.34
N THR A 258 5.75 7.62 25.11
CA THR A 258 5.73 9.02 24.68
C THR A 258 6.46 9.22 23.37
N GLU A 259 7.48 8.40 23.12
CA GLU A 259 8.26 8.54 21.90
C GLU A 259 7.45 8.21 20.65
N MET A 260 6.32 7.51 20.78
CA MET A 260 5.44 7.37 19.64
C MET A 260 4.95 8.73 19.16
N ALA A 261 4.42 9.52 20.10
CA ALA A 261 4.02 10.88 19.79
C ALA A 261 5.20 11.70 19.27
N GLU A 262 6.33 11.66 19.99
CA GLU A 262 7.46 12.47 19.57
C GLU A 262 7.93 12.12 18.16
N ILE A 263 8.02 10.82 17.84
CA ILE A 263 8.58 10.39 16.56
C ILE A 263 7.62 10.66 15.42
N PHE A 264 6.32 10.44 15.64
CA PHE A 264 5.38 10.50 14.53
C PHE A 264 4.65 11.82 14.38
N GLY A 265 4.62 12.66 15.43
CA GLY A 265 4.00 13.95 15.37
C GLY A 265 2.55 13.91 14.94
N PRO A 266 2.22 14.70 13.91
CA PRO A 266 0.86 14.67 13.36
C PRO A 266 0.40 13.29 12.93
N ALA A 267 1.33 12.38 12.62
CA ALA A 267 0.97 11.02 12.23
C ALA A 267 0.47 10.17 13.39
N TRP A 268 0.58 10.66 14.62
CA TRP A 268 0.21 9.89 15.81
C TRP A 268 -1.07 10.42 16.43
N ARG A 269 -1.81 9.51 17.05
CA ARG A 269 -2.91 9.86 17.94
C ARG A 269 -2.90 8.92 19.13
N ASP A 270 -3.27 9.44 20.30
CA ASP A 270 -3.41 8.61 21.48
C ASP A 270 -4.51 7.58 21.25
N TRP A 271 -4.38 6.44 21.92
CA TRP A 271 -5.40 5.41 21.86
C TRP A 271 -6.52 5.77 22.83
N THR A 272 -7.74 5.34 22.50
CA THR A 272 -8.82 5.55 23.43
C THR A 272 -8.74 4.53 24.56
N ALA A 273 -9.36 4.88 25.69
CA ALA A 273 -9.33 3.98 26.83
C ALA A 273 -9.94 2.62 26.48
N GLU A 274 -10.87 2.58 25.53
CA GLU A 274 -11.38 1.30 25.07
C GLU A 274 -10.32 0.51 24.31
N GLU A 275 -9.64 1.16 23.37
CA GLU A 275 -8.55 0.53 22.64
C GLU A 275 -7.51 -0.04 23.59
N LEU A 276 -6.97 0.81 24.48
CA LEU A 276 -5.98 0.36 25.44
C LEU A 276 -6.52 -0.76 26.33
N ALA A 277 -7.78 -0.65 26.75
CA ALA A 277 -8.37 -1.65 27.63
C ALA A 277 -8.47 -3.01 26.94
N LEU A 278 -8.85 -3.02 25.67
CA LEU A 278 -9.00 -4.27 24.94
C LEU A 278 -7.64 -4.84 24.57
N ALA A 279 -6.63 -3.99 24.41
CA ALA A 279 -5.29 -4.51 24.13
C ALA A 279 -4.70 -5.22 25.34
N ALA A 280 -4.85 -4.64 26.53
CA ALA A 280 -4.15 -5.13 27.73
C ALA A 280 -4.85 -6.32 28.35
N GLN A 281 -4.89 -7.41 27.59
CA GLN A 281 -5.55 -8.61 28.11
C GLN A 281 -4.54 -9.50 28.82
N PRO A 282 -4.79 -9.89 30.07
CA PRO A 282 -3.83 -10.73 30.80
C PRO A 282 -3.56 -12.03 30.07
N ILE A 283 -2.28 -12.33 29.89
CA ILE A 283 -1.84 -13.51 29.14
C ILE A 283 -1.03 -14.40 30.07
N ASP A 284 -0.79 -15.63 29.61
CA ASP A 284 -0.15 -16.67 30.42
C ASP A 284 1.37 -16.69 30.26
N TRP A 285 1.86 -16.44 29.06
CA TRP A 285 3.29 -16.49 28.77
C TRP A 285 3.65 -15.41 27.76
N LEU A 286 4.96 -15.16 27.62
CA LEU A 286 5.46 -14.24 26.62
C LEU A 286 6.66 -14.85 25.91
N GLY A 287 6.69 -14.72 24.59
CA GLY A 287 7.79 -15.24 23.79
C GLY A 287 8.65 -14.11 23.26
N ILE A 288 9.97 -14.27 23.40
CA ILE A 288 10.91 -13.22 23.03
C ILE A 288 11.80 -13.74 21.91
N ASN A 289 11.83 -13.00 20.80
CA ASN A 289 12.73 -13.29 19.69
C ASN A 289 13.92 -12.34 19.81
N TYR A 290 15.10 -12.91 19.95
CA TYR A 290 16.31 -12.12 20.07
C TYR A 290 17.34 -12.62 19.06
N TYR A 291 18.04 -11.68 18.43
CA TYR A 291 19.14 -11.95 17.52
C TYR A 291 20.36 -11.07 17.78
N THR A 292 20.17 -9.77 17.99
CA THR A 292 21.30 -8.86 18.11
C THR A 292 20.86 -7.59 18.83
N ARG A 293 21.82 -6.69 19.00
CA ARG A 293 21.59 -5.35 19.49
C ARG A 293 21.75 -4.39 18.32
N GLY A 294 21.30 -3.16 18.53
CA GLY A 294 21.55 -2.09 17.59
C GLY A 294 22.28 -0.94 18.23
N VAL A 295 23.39 -0.53 17.63
CA VAL A 295 24.14 0.64 18.04
C VAL A 295 23.69 1.78 17.15
N MET A 296 22.96 2.73 17.73
CA MET A 296 22.16 3.68 16.97
C MET A 296 22.85 5.02 16.83
N LYS A 297 22.86 5.55 15.61
CA LYS A 297 23.33 6.89 15.31
C LYS A 297 22.16 7.70 14.75
N HIS A 298 22.17 9.01 15.01
CA HIS A 298 21.12 9.89 14.53
C HIS A 298 21.33 10.16 13.05
N ASP A 299 20.25 10.07 12.27
CA ASP A 299 20.31 10.34 10.83
C ASP A 299 19.07 11.10 10.41
N ASP A 300 19.23 12.40 10.14
CA ASP A 300 18.11 13.20 9.69
C ASP A 300 17.51 12.67 8.39
N ALA A 301 18.33 11.99 7.58
CA ALA A 301 17.94 11.45 6.27
C ALA A 301 17.02 10.23 6.33
N LYS A 302 16.73 9.66 7.50
CA LYS A 302 15.87 8.49 7.64
C LYS A 302 14.67 8.73 8.54
N PRO A 303 13.80 9.69 8.20
CA PRO A 303 12.59 9.91 8.99
C PRO A 303 11.65 8.73 8.84
N PRO A 304 10.69 8.55 9.77
CA PRO A 304 10.42 9.38 10.94
C PRO A 304 11.34 9.14 12.13
N VAL A 305 11.93 7.94 12.21
CA VAL A 305 12.74 7.59 13.36
C VAL A 305 14.01 8.44 13.42
N ARG A 306 14.62 8.68 12.27
CA ARG A 306 15.88 9.42 12.17
C ARG A 306 16.98 8.77 13.02
N ALA A 307 17.08 7.45 12.91
CA ALA A 307 18.19 6.70 13.49
C ALA A 307 18.72 5.73 12.45
N ASP A 308 20.01 5.41 12.55
CA ASP A 308 20.62 4.47 11.62
C ASP A 308 21.57 3.56 12.39
N TYR A 309 21.89 2.42 11.78
CA TYR A 309 22.79 1.46 12.41
C TYR A 309 24.23 1.81 12.07
N VAL A 310 25.13 1.59 13.03
CA VAL A 310 26.56 1.78 12.84
C VAL A 310 27.25 0.46 13.14
N ARG A 311 27.97 -0.07 12.15
CA ARG A 311 28.70 -1.31 12.34
C ARG A 311 29.81 -1.12 13.36
N GLN A 312 29.96 -2.10 14.24
CA GLN A 312 31.02 -2.05 15.24
C GLN A 312 32.28 -2.68 14.66
N PRO A 313 33.41 -1.98 14.65
CA PRO A 313 34.65 -2.59 14.15
C PRO A 313 35.13 -3.67 15.09
N GLY A 314 35.74 -4.71 14.51
CA GLY A 314 36.19 -5.85 15.26
C GLY A 314 35.09 -6.76 15.78
N ALA A 315 33.83 -6.37 15.63
CA ALA A 315 32.71 -7.22 16.03
C ALA A 315 32.36 -8.19 14.91
N THR A 316 31.70 -9.29 15.29
CA THR A 316 31.31 -10.33 14.36
C THR A 316 29.89 -10.07 13.87
N TYR A 317 29.68 -10.23 12.56
CA TYR A 317 28.37 -10.08 11.97
C TYR A 317 28.02 -11.33 11.16
N THR A 318 26.71 -11.50 10.95
CA THR A 318 26.13 -12.64 10.25
C THR A 318 25.75 -12.23 8.82
N GLU A 319 25.26 -13.21 8.06
CA GLU A 319 24.83 -12.97 6.68
C GLU A 319 23.67 -12.00 6.58
N THR A 320 23.09 -11.58 7.71
CA THR A 320 22.04 -10.58 7.70
C THR A 320 22.52 -9.24 8.26
N GLY A 321 23.82 -9.09 8.48
CA GLY A 321 24.33 -7.86 9.06
C GLY A 321 24.02 -7.69 10.53
N TRP A 322 23.82 -8.80 11.25
CA TRP A 322 23.46 -8.76 12.66
C TRP A 322 24.68 -9.11 13.51
N GLU A 323 25.00 -8.23 14.44
CA GLU A 323 26.16 -8.41 15.30
C GLU A 323 25.95 -9.59 16.23
N VAL A 324 27.02 -10.35 16.46
CA VAL A 324 26.99 -11.39 17.47
C VAL A 324 27.18 -10.71 18.81
N PHE A 325 26.10 -10.64 19.60
CA PHE A 325 26.08 -9.91 20.87
C PHE A 325 25.18 -10.70 21.83
N GLU A 326 25.71 -11.83 22.33
CA GLU A 326 24.88 -12.70 23.17
C GLU A 326 24.51 -12.03 24.49
N GLN A 327 25.35 -11.10 24.96
CA GLN A 327 25.04 -10.38 26.20
C GLN A 327 23.68 -9.71 26.15
N GLY A 328 23.27 -9.24 24.96
CA GLY A 328 21.96 -8.61 24.83
C GLY A 328 20.79 -9.54 25.11
N LEU A 329 20.95 -10.84 24.88
CA LEU A 329 19.90 -11.79 25.23
C LEU A 329 19.67 -11.82 26.74
N THR A 330 20.76 -11.96 27.50
CA THR A 330 20.72 -11.88 28.95
C THR A 330 20.05 -10.58 29.41
N GLU A 331 20.61 -9.45 28.95
CA GLU A 331 20.04 -8.14 29.25
C GLU A 331 18.55 -8.11 28.95
N THR A 332 18.16 -8.65 27.79
CA THR A 332 16.77 -8.57 27.36
C THR A 332 15.86 -9.30 28.33
N LEU A 333 16.22 -10.53 28.68
CA LEU A 333 15.36 -11.33 29.55
C LEU A 333 15.22 -10.72 30.94
N LEU A 334 16.35 -10.33 31.54
CA LEU A 334 16.26 -9.71 32.86
C LEU A 334 15.45 -8.41 32.80
N TRP A 335 15.63 -7.62 31.73
CA TRP A 335 14.87 -6.38 31.55
C TRP A 335 13.37 -6.65 31.50
N VAL A 336 12.97 -7.65 30.70
CA VAL A 336 11.57 -8.02 30.61
C VAL A 336 11.04 -8.34 31.99
N LYS A 337 11.81 -9.12 32.74
CA LYS A 337 11.40 -9.42 34.11
C LYS A 337 11.10 -8.14 34.90
N GLU A 338 12.03 -7.18 34.96
CA GLU A 338 11.77 -6.10 35.94
C GLU A 338 10.64 -5.22 35.45
N ARG A 339 10.52 -5.10 34.13
CA ARG A 339 9.61 -4.09 33.62
C ARG A 339 8.20 -4.63 33.56
N TYR A 340 8.04 -5.91 33.25
CA TYR A 340 6.73 -6.45 32.98
C TYR A 340 6.26 -7.48 33.98
N GLY A 341 7.15 -8.00 34.83
CA GLY A 341 6.72 -8.87 35.90
C GLY A 341 7.30 -10.26 35.87
N ASP A 342 6.61 -11.19 36.53
CA ASP A 342 7.07 -12.58 36.64
C ASP A 342 6.32 -13.49 35.68
N ILE A 343 5.88 -12.97 34.55
CA ILE A 343 5.22 -13.84 33.56
C ILE A 343 6.24 -14.85 33.04
N PRO A 344 5.87 -16.10 32.80
CA PRO A 344 6.83 -17.06 32.27
C PRO A 344 7.30 -16.64 30.88
N LEU A 345 8.55 -16.94 30.59
CA LEU A 345 9.23 -16.50 29.38
C LEU A 345 9.70 -17.69 28.57
N TYR A 346 9.37 -17.72 27.28
CA TYR A 346 9.94 -18.67 26.35
C TYR A 346 10.73 -17.92 25.29
N VAL A 347 11.98 -18.31 25.09
CA VAL A 347 12.75 -17.77 23.96
C VAL A 347 12.21 -18.43 22.70
N THR A 348 11.34 -17.71 21.98
CA THR A 348 10.64 -18.31 20.85
C THR A 348 11.43 -18.21 19.54
N GLU A 349 12.53 -17.45 19.52
CA GLU A 349 13.38 -17.40 18.33
C GLU A 349 14.76 -16.92 18.72
N ASN A 350 15.78 -17.65 18.28
CA ASN A 350 17.17 -17.25 18.43
C ASN A 350 18.01 -18.12 17.52
N GLY A 351 18.99 -17.53 16.85
CA GLY A 351 19.81 -18.27 15.93
C GLY A 351 20.68 -17.32 15.12
N SER A 352 21.30 -17.87 14.08
CA SER A 352 22.20 -17.09 13.25
C SER A 352 22.28 -17.69 11.85
N ALA A 353 22.69 -16.86 10.90
CA ALA A 353 22.82 -17.25 9.50
C ALA A 353 24.26 -17.09 9.07
N PHE A 354 24.90 -18.18 8.65
CA PHE A 354 26.27 -18.13 8.18
C PHE A 354 26.36 -18.84 6.84
N ASP A 355 27.48 -18.59 6.15
CA ASP A 355 27.64 -19.00 4.75
C ASP A 355 27.79 -20.51 4.67
N ASP A 356 26.70 -21.21 4.39
CA ASP A 356 26.79 -22.65 4.21
C ASP A 356 26.79 -23.00 2.73
N PRO A 357 27.47 -24.07 2.34
CA PRO A 357 27.46 -24.48 0.93
C PRO A 357 26.07 -24.93 0.49
N PRO A 358 25.80 -24.91 -0.82
CA PRO A 358 24.47 -25.30 -1.31
C PRO A 358 24.07 -26.73 -0.99
N THR A 359 25.01 -27.66 -0.86
CA THR A 359 24.65 -29.04 -0.57
C THR A 359 25.59 -29.60 0.48
N ALA A 360 25.19 -30.73 1.07
CA ALA A 360 26.00 -31.45 2.04
C ALA A 360 26.79 -32.57 1.35
N GLN A 361 28.04 -32.75 1.78
CA GLN A 361 28.96 -33.75 1.25
C GLN A 361 29.11 -34.84 2.30
N GLY A 362 28.87 -36.09 1.92
CA GLY A 362 29.04 -37.12 2.92
C GLY A 362 28.00 -37.11 4.01
N GLY A 363 26.91 -36.37 3.83
CA GLY A 363 25.93 -36.37 4.89
C GLY A 363 26.26 -35.45 6.04
N ARG A 364 27.22 -34.53 5.86
CA ARG A 364 27.64 -33.58 6.89
C ARG A 364 27.55 -32.17 6.31
N LEU A 365 27.27 -31.23 7.21
CA LEU A 365 27.30 -29.80 6.91
C LEU A 365 27.95 -29.14 8.11
N GLU A 366 29.16 -28.65 7.90
CA GLU A 366 30.00 -28.11 8.96
C GLU A 366 29.80 -26.60 9.02
N ASP A 367 29.23 -26.12 10.12
CA ASP A 367 28.91 -24.71 10.33
C ASP A 367 29.47 -24.26 11.68
N PRO A 368 30.79 -24.13 11.81
CA PRO A 368 31.36 -23.79 13.13
C PRO A 368 30.88 -22.45 13.67
N ALA A 369 30.67 -21.45 12.81
CA ALA A 369 30.19 -20.15 13.28
C ALA A 369 28.81 -20.27 13.92
N ARG A 370 27.91 -21.04 13.29
CA ARG A 370 26.58 -21.22 13.85
C ARG A 370 26.63 -21.95 15.18
N VAL A 371 27.46 -23.00 15.27
CA VAL A 371 27.66 -23.68 16.54
C VAL A 371 28.12 -22.70 17.60
N ASP A 372 29.09 -21.85 17.24
CA ASP A 372 29.63 -20.89 18.20
C ASP A 372 28.55 -19.95 18.72
N TYR A 373 27.78 -19.36 17.80
CA TYR A 373 26.65 -18.50 18.17
C TYR A 373 25.69 -19.22 19.10
N LEU A 374 25.38 -20.49 18.78
CA LEU A 374 24.44 -21.25 19.59
C LEU A 374 24.98 -21.43 21.00
N GLU A 375 26.28 -21.72 21.12
CA GLU A 375 26.86 -21.91 22.44
C GLU A 375 26.80 -20.62 23.25
N ARG A 376 27.26 -19.52 22.65
CA ARG A 376 27.26 -18.24 23.34
C ARG A 376 25.86 -17.87 23.82
N HIS A 377 24.86 -18.03 22.95
CA HIS A 377 23.52 -17.58 23.33
C HIS A 377 22.83 -18.53 24.30
N LEU A 378 23.10 -19.85 24.22
CA LEU A 378 22.55 -20.75 25.24
C LEU A 378 23.14 -20.44 26.61
N ARG A 379 24.45 -20.18 26.66
CA ARG A 379 25.04 -19.72 27.91
C ARG A 379 24.43 -18.41 28.38
N ALA A 380 24.11 -17.50 27.44
CA ALA A 380 23.48 -16.25 27.82
C ALA A 380 22.09 -16.49 28.44
N VAL A 381 21.31 -17.40 27.85
CA VAL A 381 20.01 -17.75 28.42
C VAL A 381 20.19 -18.31 29.83
N HIS A 382 21.19 -19.17 30.00
CA HIS A 382 21.44 -19.72 31.33
C HIS A 382 21.82 -18.64 32.32
N ALA A 383 22.64 -17.66 31.89
CA ALA A 383 23.00 -16.56 32.77
C ALA A 383 21.78 -15.75 33.16
N ALA A 384 20.85 -15.58 32.23
CA ALA A 384 19.59 -14.90 32.56
C ALA A 384 18.80 -15.69 33.59
N ILE A 385 18.63 -16.99 33.37
CA ILE A 385 17.90 -17.83 34.31
C ILE A 385 18.55 -17.78 35.68
N ALA A 386 19.88 -17.70 35.71
CA ALA A 386 20.59 -17.59 36.98
C ALA A 386 20.27 -16.28 37.68
N GLY A 387 20.07 -15.21 36.92
CA GLY A 387 19.80 -13.89 37.45
C GLY A 387 18.37 -13.64 37.87
N GLY A 388 17.54 -14.69 37.87
CA GLY A 388 16.15 -14.59 38.29
C GLY A 388 15.15 -14.69 37.16
N ALA A 389 15.60 -14.74 35.90
CA ALA A 389 14.69 -14.81 34.78
C ALA A 389 14.04 -16.18 34.72
N ASP A 390 12.70 -16.21 34.74
CA ASP A 390 11.96 -17.46 34.73
C ASP A 390 11.66 -17.89 33.29
N VAL A 391 12.71 -18.34 32.61
CA VAL A 391 12.58 -18.85 31.24
C VAL A 391 12.33 -20.35 31.29
N ARG A 392 11.32 -20.81 30.55
CA ARG A 392 10.89 -22.20 30.56
C ARG A 392 11.14 -22.92 29.25
N GLY A 393 11.61 -22.24 28.21
CA GLY A 393 11.80 -22.90 26.93
C GLY A 393 12.73 -22.13 26.01
N TYR A 394 13.15 -22.82 24.95
CA TYR A 394 14.07 -22.25 23.98
C TYR A 394 13.75 -22.84 22.60
N MET A 395 13.56 -21.95 21.62
CA MET A 395 13.24 -22.33 20.25
C MET A 395 14.31 -21.77 19.33
N ALA A 396 15.10 -22.65 18.72
CA ALA A 396 16.11 -22.24 17.76
C ALA A 396 15.46 -21.88 16.44
N TRP A 397 15.71 -20.67 15.94
CA TRP A 397 15.39 -20.31 14.57
C TRP A 397 16.64 -20.52 13.72
N SER A 398 16.55 -21.42 12.74
CA SER A 398 15.33 -22.18 12.51
C SER A 398 15.58 -23.71 12.50
N LEU A 399 14.50 -24.47 12.44
CA LEU A 399 14.64 -25.91 12.25
C LEU A 399 15.25 -26.20 10.89
N LEU A 400 14.80 -25.50 9.86
CA LEU A 400 15.29 -25.73 8.50
C LEU A 400 15.69 -24.40 7.88
N ASP A 401 16.73 -24.45 7.04
CA ASP A 401 16.97 -23.35 6.11
C ASP A 401 15.68 -23.07 5.37
N ASN A 402 15.25 -21.81 5.41
CA ASN A 402 13.94 -21.43 4.88
C ASN A 402 14.13 -20.25 3.92
N LEU A 403 13.02 -19.55 3.63
CA LEU A 403 13.03 -18.47 2.66
C LEU A 403 13.56 -17.16 3.24
N GLU A 404 13.23 -16.82 4.48
CA GLU A 404 13.66 -15.55 5.07
C GLU A 404 13.12 -14.37 4.25
N TRP A 405 11.85 -14.47 3.87
CA TRP A 405 11.12 -13.36 3.32
C TRP A 405 11.83 -12.70 2.13
N SER A 406 11.88 -11.37 2.09
CA SER A 406 12.38 -10.71 0.89
C SER A 406 13.89 -10.82 0.74
N LEU A 407 14.58 -11.41 1.71
CA LEU A 407 16.00 -11.69 1.53
C LEU A 407 16.24 -13.00 0.80
N GLY A 408 15.23 -13.86 0.70
CA GLY A 408 15.36 -15.07 -0.10
C GLY A 408 16.19 -16.16 0.54
N PHE A 409 16.35 -17.25 -0.21
CA PHE A 409 17.00 -18.46 0.29
C PHE A 409 18.49 -18.29 0.53
N SER A 410 19.08 -17.14 0.22
CA SER A 410 20.51 -16.93 0.44
C SER A 410 20.88 -16.88 1.92
N LYS A 411 19.91 -16.61 2.80
CA LYS A 411 20.18 -16.45 4.24
C LYS A 411 19.66 -17.68 4.98
N ARG A 412 20.56 -18.55 5.41
CA ARG A 412 20.20 -19.85 5.99
C ARG A 412 20.30 -19.81 7.52
N PHE A 413 19.15 -19.98 8.18
CA PHE A 413 19.09 -19.98 9.64
C PHE A 413 18.99 -21.38 10.25
N GLY A 414 18.86 -22.42 9.43
CA GLY A 414 18.52 -23.74 9.96
C GLY A 414 19.68 -24.44 10.65
N ILE A 415 19.35 -25.19 11.71
CA ILE A 415 20.29 -26.17 12.23
C ILE A 415 20.32 -27.41 11.34
N VAL A 416 19.27 -27.63 10.55
CA VAL A 416 19.26 -28.65 9.52
C VAL A 416 19.45 -27.97 8.18
N HIS A 417 20.40 -28.47 7.40
CA HIS A 417 20.62 -27.94 6.06
C HIS A 417 19.52 -28.40 5.12
N ILE A 418 19.10 -27.49 4.24
CA ILE A 418 18.19 -27.82 3.16
C ILE A 418 18.92 -27.62 1.84
N ASP A 419 19.07 -28.69 1.09
CA ASP A 419 19.47 -28.59 -0.31
C ASP A 419 18.22 -28.21 -1.09
N PHE A 420 18.09 -26.91 -1.38
CA PHE A 420 16.85 -26.39 -1.95
C PHE A 420 16.56 -26.96 -3.34
N GLU A 421 17.58 -27.40 -4.07
CA GLU A 421 17.30 -27.98 -5.37
C GLU A 421 16.73 -29.39 -5.28
N THR A 422 17.00 -30.09 -4.18
CA THR A 422 16.54 -31.47 -4.01
C THR A 422 15.73 -31.71 -2.75
N GLN A 423 15.52 -30.69 -1.90
CA GLN A 423 14.79 -30.80 -0.64
C GLN A 423 15.42 -31.83 0.30
N GLN A 424 16.73 -32.03 0.17
CA GLN A 424 17.43 -33.00 1.01
C GLN A 424 17.70 -32.35 2.36
N ARG A 425 17.24 -33.00 3.42
CA ARG A 425 17.54 -32.58 4.78
C ARG A 425 18.91 -33.13 5.19
N THR A 426 19.68 -32.31 5.88
CA THR A 426 20.96 -32.73 6.46
C THR A 426 21.22 -31.97 7.75
N PRO A 427 21.20 -32.65 8.90
CA PRO A 427 21.51 -31.94 10.16
C PRO A 427 22.90 -31.34 10.11
N LYS A 428 22.98 -30.06 10.43
CA LYS A 428 24.29 -29.43 10.47
C LYS A 428 24.97 -29.76 11.80
N ASP A 429 26.25 -29.39 11.91
CA ASP A 429 26.93 -29.52 13.19
C ASP A 429 26.17 -28.79 14.29
N SER A 430 25.59 -27.63 13.95
CA SER A 430 24.70 -26.92 14.87
C SER A 430 23.64 -27.86 15.46
N ALA A 431 22.94 -28.62 14.61
CA ALA A 431 21.86 -29.49 15.09
C ALA A 431 22.38 -30.61 15.98
N ARG A 432 23.53 -31.20 15.65
CA ARG A 432 24.07 -32.27 16.48
C ARG A 432 24.46 -31.74 17.86
N LEU A 433 25.12 -30.59 17.92
CA LEU A 433 25.38 -29.98 19.22
C LEU A 433 24.07 -29.66 19.93
N TYR A 434 23.05 -29.24 19.19
CA TYR A 434 21.78 -28.90 19.83
C TYR A 434 21.15 -30.12 20.48
N SER A 435 21.20 -31.28 19.82
CA SER A 435 20.61 -32.47 20.42
C SER A 435 21.46 -32.97 21.57
N THR A 436 22.77 -32.75 21.51
CA THR A 436 23.59 -33.00 22.69
C THR A 436 23.17 -32.10 23.85
N VAL A 437 22.81 -30.86 23.55
CA VAL A 437 22.37 -29.89 24.56
C VAL A 437 21.05 -30.33 25.19
N ILE A 438 20.11 -30.80 24.37
CA ILE A 438 18.80 -31.19 24.89
C ILE A 438 18.91 -32.41 25.80
N ALA A 439 19.61 -33.46 25.34
CA ALA A 439 19.72 -34.69 26.11
C ALA A 439 20.42 -34.46 27.44
N SER A 440 21.41 -33.58 27.47
CA SER A 440 22.10 -33.22 28.70
C SER A 440 21.45 -32.04 29.43
N ASN A 441 20.50 -31.35 28.79
CA ASN A 441 19.88 -30.13 29.32
C ASN A 441 20.90 -29.03 29.62
N GLY A 442 21.92 -28.90 28.76
CA GLY A 442 22.88 -27.83 28.86
C GLY A 442 24.20 -28.20 29.51
N ALA A 443 24.26 -29.34 30.21
CA ALA A 443 25.48 -29.70 30.91
C ALA A 443 26.71 -29.73 30.01
N VAL A 444 26.52 -30.01 28.71
CA VAL A 444 27.62 -30.18 27.77
C VAL A 444 28.35 -28.86 27.51
N LEU A 445 27.63 -27.78 27.72
CA LEU A 445 28.01 -26.40 27.59
C LEU A 445 29.10 -26.07 28.61
N ILE B 2 -11.72 29.67 -39.23
CA ILE B 2 -12.03 28.71 -38.19
C ILE B 2 -13.21 29.17 -37.35
N LYS B 3 -14.34 28.47 -37.47
CA LYS B 3 -15.51 28.75 -36.63
C LYS B 3 -15.96 27.45 -36.00
N PHE B 4 -16.18 27.48 -34.69
CA PHE B 4 -16.59 26.32 -33.92
C PHE B 4 -18.10 26.19 -33.91
N PRO B 5 -18.64 25.02 -33.48
CA PRO B 5 -20.08 24.87 -33.32
C PRO B 5 -20.75 25.99 -32.54
N ASP B 6 -22.06 26.14 -32.72
CA ASP B 6 -22.76 27.28 -32.13
C ASP B 6 -22.79 27.19 -30.60
N GLN B 7 -23.30 26.09 -30.07
CA GLN B 7 -23.41 25.93 -28.62
C GLN B 7 -22.17 25.29 -28.01
N PHE B 8 -20.99 25.53 -28.58
CA PHE B 8 -19.77 24.99 -28.01
C PHE B 8 -19.50 25.60 -26.64
N LEU B 9 -19.21 24.74 -25.67
CA LEU B 9 -19.02 25.15 -24.29
C LEU B 9 -17.55 25.44 -24.03
N TRP B 10 -17.25 26.66 -23.61
CA TRP B 10 -15.89 27.07 -23.31
C TRP B 10 -15.71 27.20 -21.80
N GLY B 11 -14.65 26.57 -21.28
CA GLY B 11 -14.44 26.56 -19.85
C GLY B 11 -12.99 26.28 -19.49
N ALA B 12 -12.75 26.23 -18.17
CA ALA B 12 -11.46 25.83 -17.61
C ALA B 12 -11.71 24.75 -16.57
N ALA B 13 -10.65 24.03 -16.21
CA ALA B 13 -10.77 22.83 -15.37
C ALA B 13 -9.84 22.89 -14.18
N THR B 14 -10.33 22.38 -13.03
CA THR B 14 -9.53 22.24 -11.83
C THR B 14 -9.84 20.89 -11.20
N SER B 15 -9.33 20.67 -9.99
CA SER B 15 -9.71 19.54 -9.16
C SER B 15 -9.60 19.97 -7.71
N ALA B 16 -10.42 19.37 -6.85
CA ALA B 16 -10.57 19.84 -5.47
C ALA B 16 -9.23 19.96 -4.75
N TYR B 17 -8.53 18.83 -4.57
CA TYR B 17 -7.33 18.84 -3.75
C TYR B 17 -6.25 19.76 -4.32
N GLN B 18 -6.18 19.92 -5.64
CA GLN B 18 -5.07 20.65 -6.23
C GLN B 18 -5.18 22.15 -6.03
N ILE B 19 -6.35 22.68 -5.68
CA ILE B 19 -6.47 24.13 -5.53
C ILE B 19 -7.05 24.52 -4.17
N GLU B 20 -7.91 23.66 -3.61
CA GLU B 20 -8.77 24.06 -2.51
C GLU B 20 -7.98 24.45 -1.26
N GLY B 21 -7.02 23.63 -0.88
CA GLY B 21 -6.45 23.82 0.43
C GLY B 21 -7.48 23.52 1.51
N SER B 22 -7.13 23.91 2.75
CA SER B 22 -7.99 23.71 3.92
C SER B 22 -8.61 22.31 3.91
N PRO B 23 -7.80 21.26 3.78
CA PRO B 23 -8.38 19.92 3.59
C PRO B 23 -9.16 19.41 4.78
N LEU B 24 -8.95 19.98 5.97
CA LEU B 24 -9.59 19.48 7.18
C LEU B 24 -10.51 20.51 7.83
N ALA B 25 -10.81 21.61 7.17
CA ALA B 25 -11.69 22.61 7.76
C ALA B 25 -13.13 22.11 7.79
N ASP B 26 -13.87 22.55 8.81
CA ASP B 26 -15.30 22.29 8.92
C ASP B 26 -15.60 20.80 8.94
N GLY B 27 -14.81 20.05 9.71
CA GLY B 27 -15.08 18.64 9.93
C GLY B 27 -14.80 17.74 8.75
N ALA B 28 -13.92 18.16 7.85
CA ALA B 28 -13.58 17.32 6.72
C ALA B 28 -12.65 16.19 7.13
N GLY B 29 -12.93 14.99 6.63
CA GLY B 29 -12.06 13.86 6.82
C GLY B 29 -10.83 13.96 5.93
N PRO B 30 -9.69 13.45 6.39
CA PRO B 30 -8.49 13.46 5.54
C PRO B 30 -8.66 12.51 4.36
N SER B 31 -7.90 12.79 3.32
CA SER B 31 -7.89 11.98 2.11
C SER B 31 -6.59 11.18 2.03
N ILE B 32 -6.54 10.28 1.05
CA ILE B 32 -5.31 9.51 0.85
C ILE B 32 -4.17 10.44 0.45
N TRP B 33 -4.49 11.57 -0.20
CA TRP B 33 -3.45 12.48 -0.64
C TRP B 33 -2.91 13.33 0.49
N HIS B 34 -3.71 13.60 1.52
CA HIS B 34 -3.17 14.21 2.74
C HIS B 34 -2.08 13.32 3.35
N ARG B 35 -2.45 12.08 3.70
CA ARG B 35 -1.48 11.11 4.25
C ARG B 35 -0.28 10.95 3.33
N PHE B 36 -0.52 10.96 2.01
CA PHE B 36 0.56 10.77 1.05
C PHE B 36 1.55 11.92 1.11
N VAL B 37 1.07 13.15 0.89
CA VAL B 37 1.97 14.29 0.85
C VAL B 37 2.63 14.53 2.19
N HIS B 38 2.03 14.07 3.29
CA HIS B 38 2.62 14.33 4.59
C HIS B 38 3.50 13.19 5.10
N SER B 39 3.65 12.10 4.33
CA SER B 39 4.65 11.10 4.69
C SER B 39 5.94 11.36 3.91
N PRO B 40 7.08 11.48 4.60
CA PRO B 40 8.30 11.93 3.91
C PRO B 40 8.74 11.02 2.77
N GLY B 41 9.42 11.64 1.79
CA GLY B 41 10.06 10.93 0.70
C GLY B 41 9.19 10.63 -0.50
N LEU B 42 7.87 10.71 -0.38
CA LEU B 42 6.98 10.25 -1.43
C LEU B 42 6.73 11.27 -2.54
N THR B 43 7.06 12.55 -2.34
CA THR B 43 6.82 13.57 -3.35
C THR B 43 8.13 14.28 -3.69
N ALA B 44 8.13 14.97 -4.84
CA ALA B 44 9.37 15.53 -5.40
C ALA B 44 10.04 16.49 -4.40
N LYS B 45 9.33 17.53 -3.98
CA LYS B 45 9.92 18.52 -3.08
C LYS B 45 9.21 18.58 -1.74
N GLY B 46 8.35 17.60 -1.44
CA GLY B 46 7.59 17.65 -0.21
C GLY B 46 6.54 18.72 -0.14
N GLU B 47 6.07 19.21 -1.28
CA GLU B 47 5.01 20.21 -1.30
C GLU B 47 3.66 19.53 -1.12
N THR B 48 2.78 20.17 -0.34
CA THR B 48 1.50 19.60 0.07
C THR B 48 0.35 20.38 -0.55
N GLY B 49 -0.87 19.93 -0.27
CA GLY B 49 -2.07 20.63 -0.65
C GLY B 49 -2.72 21.28 0.55
N ASP B 50 -1.90 21.59 1.56
CA ASP B 50 -2.43 22.23 2.77
C ASP B 50 -3.08 23.57 2.43
N ILE B 51 -2.41 24.37 1.59
CA ILE B 51 -2.95 25.63 1.10
C ILE B 51 -3.31 25.55 -0.38
N ALA B 52 -2.39 25.05 -1.21
CA ALA B 52 -2.56 25.04 -2.65
C ALA B 52 -2.84 26.46 -3.14
N CYS B 53 -4.01 26.66 -3.76
CA CYS B 53 -4.43 27.99 -4.17
C CYS B 53 -5.39 28.63 -3.16
N ASP B 54 -5.50 28.06 -1.96
CA ASP B 54 -6.45 28.54 -0.96
C ASP B 54 -7.85 28.75 -1.55
N HIS B 55 -8.22 27.92 -2.52
CA HIS B 55 -9.48 28.14 -3.22
C HIS B 55 -10.67 28.02 -2.26
N TYR B 56 -10.57 27.16 -1.26
CA TYR B 56 -11.67 26.97 -0.30
C TYR B 56 -12.13 28.30 0.28
N ASN B 57 -11.19 29.20 0.54
CA ASN B 57 -11.51 30.49 1.10
C ASN B 57 -11.76 31.56 0.03
N ARG B 58 -11.36 31.31 -1.23
CA ARG B 58 -11.35 32.35 -2.27
C ARG B 58 -12.28 32.05 -3.43
N TYR B 59 -13.28 31.18 -3.27
CA TYR B 59 -14.01 30.74 -4.45
C TYR B 59 -14.83 31.89 -5.08
N ARG B 60 -15.27 32.86 -4.28
CA ARG B 60 -16.04 33.97 -4.84
C ARG B 60 -15.17 34.84 -5.74
N ASP B 61 -13.94 35.16 -5.29
CA ASP B 61 -13.06 35.98 -6.12
C ASP B 61 -12.62 35.22 -7.36
N ASP B 62 -12.40 33.91 -7.23
CA ASP B 62 -12.04 33.10 -8.39
C ASP B 62 -13.17 33.08 -9.40
N ILE B 63 -14.42 33.03 -8.93
CA ILE B 63 -15.56 33.05 -9.83
C ILE B 63 -15.71 34.40 -10.52
N ALA B 64 -15.53 35.50 -9.76
CA ALA B 64 -15.50 36.80 -10.40
C ALA B 64 -14.42 36.87 -11.47
N LEU B 65 -13.28 36.24 -11.22
CA LEU B 65 -12.20 36.22 -12.20
C LEU B 65 -12.58 35.42 -13.45
N MET B 66 -13.23 34.27 -13.25
CA MET B 66 -13.68 33.47 -14.39
C MET B 66 -14.71 34.23 -15.21
N ARG B 67 -15.53 35.05 -14.56
CA ARG B 67 -16.45 35.87 -15.36
C ARG B 67 -15.68 36.96 -16.09
N SER B 68 -14.65 37.51 -15.46
CA SER B 68 -13.83 38.52 -16.13
C SER B 68 -13.19 37.97 -17.40
N LEU B 69 -12.72 36.73 -17.36
CA LEU B 69 -12.15 36.19 -18.58
C LEU B 69 -13.20 35.51 -19.45
N GLY B 70 -14.47 35.60 -19.07
CA GLY B 70 -15.56 35.17 -19.93
C GLY B 70 -15.78 33.68 -20.09
N LEU B 71 -15.55 32.90 -19.04
CA LEU B 71 -15.71 31.46 -19.14
C LEU B 71 -17.19 31.11 -18.99
N GLN B 72 -17.62 30.10 -19.75
CA GLN B 72 -19.01 29.68 -19.76
C GLN B 72 -19.24 28.43 -18.92
N ALA B 73 -18.17 27.70 -18.65
CA ALA B 73 -18.25 26.49 -17.85
C ALA B 73 -17.04 26.45 -16.93
N TYR B 74 -17.20 25.73 -15.83
CA TYR B 74 -16.12 25.53 -14.88
C TYR B 74 -16.18 24.08 -14.42
N ARG B 75 -15.07 23.37 -14.58
CA ARG B 75 -14.98 21.96 -14.26
C ARG B 75 -14.15 21.81 -12.98
N PHE B 76 -14.78 21.27 -11.95
CA PHE B 76 -14.17 21.14 -10.62
C PHE B 76 -14.40 19.71 -10.12
N SER B 77 -13.76 19.40 -8.99
CA SER B 77 -14.01 18.12 -8.33
C SER B 77 -14.46 18.34 -6.89
N VAL B 78 -15.14 17.33 -6.37
CA VAL B 78 -15.68 17.37 -5.02
C VAL B 78 -14.82 16.47 -4.14
N ASN B 79 -14.39 17.02 -3.01
CA ASN B 79 -13.60 16.26 -2.04
C ASN B 79 -14.56 15.37 -1.27
N TRP B 80 -14.57 14.09 -1.64
CA TRP B 80 -15.41 13.11 -0.97
C TRP B 80 -15.29 13.21 0.55
N GLY B 81 -14.09 13.48 1.05
CA GLY B 81 -13.90 13.59 2.49
C GLY B 81 -14.51 14.83 3.12
N ARG B 82 -14.69 15.91 2.34
CA ARG B 82 -15.41 17.06 2.87
C ARG B 82 -16.89 16.78 3.02
N ILE B 83 -17.40 15.79 2.30
CA ILE B 83 -18.80 15.41 2.36
C ILE B 83 -18.98 14.37 3.46
N PHE B 84 -18.31 13.21 3.32
CA PHE B 84 -18.35 12.16 4.32
C PHE B 84 -16.98 11.98 4.94
N PRO B 85 -16.72 12.54 6.12
CA PRO B 85 -15.38 12.40 6.72
C PRO B 85 -14.94 10.96 6.91
N ASP B 86 -15.88 10.04 7.17
CA ASP B 86 -15.61 8.61 7.25
C ASP B 86 -15.80 7.90 5.91
N GLY B 87 -16.12 8.64 4.85
CA GLY B 87 -16.43 8.05 3.56
C GLY B 87 -17.81 7.42 3.49
N THR B 88 -18.34 7.01 4.64
CA THR B 88 -19.69 6.48 4.73
C THR B 88 -20.27 6.92 6.06
N GLY B 89 -21.58 6.70 6.22
CA GLY B 89 -22.23 7.05 7.47
C GLY B 89 -22.52 8.52 7.63
N ARG B 90 -22.00 9.13 8.70
CA ARG B 90 -22.30 10.52 9.01
C ARG B 90 -21.85 11.45 7.90
N LEU B 91 -22.74 12.37 7.54
CA LEU B 91 -22.53 13.31 6.45
C LEU B 91 -22.31 14.71 7.03
N ASN B 92 -21.12 15.27 6.76
CA ASN B 92 -20.79 16.61 7.23
C ASN B 92 -21.42 17.60 6.27
N SER B 93 -22.35 18.42 6.76
CA SER B 93 -23.10 19.29 5.86
C SER B 93 -22.46 20.66 5.69
N ALA B 94 -21.37 20.94 6.41
CA ALA B 94 -20.59 22.14 6.10
C ALA B 94 -19.92 21.99 4.73
N GLY B 95 -19.33 20.83 4.45
CA GLY B 95 -18.71 20.62 3.14
C GLY B 95 -19.74 20.52 2.02
N LEU B 96 -20.87 19.87 2.29
CA LEU B 96 -21.91 19.79 1.27
C LEU B 96 -22.46 21.18 0.98
N ASP B 97 -22.61 22.01 2.02
CA ASP B 97 -23.07 23.38 1.82
C ASP B 97 -22.02 24.19 1.06
N PHE B 98 -20.73 23.91 1.30
CA PHE B 98 -19.71 24.63 0.55
C PHE B 98 -19.82 24.31 -0.94
N TYR B 99 -19.95 23.03 -1.27
CA TYR B 99 -19.99 22.66 -2.67
C TYR B 99 -21.24 23.21 -3.34
N GLU B 100 -22.37 23.17 -2.64
CA GLU B 100 -23.59 23.67 -3.27
C GLU B 100 -23.59 25.20 -3.36
N ARG B 101 -22.99 25.89 -2.36
CA ARG B 101 -22.86 27.35 -2.42
C ARG B 101 -21.97 27.76 -3.59
N LEU B 102 -20.84 27.06 -3.75
CA LEU B 102 -19.96 27.31 -4.88
C LEU B 102 -20.71 27.14 -6.20
N VAL B 103 -21.47 26.05 -6.34
CA VAL B 103 -22.24 25.87 -7.57
C VAL B 103 -23.24 27.02 -7.75
N ASP B 104 -23.80 27.51 -6.65
CA ASP B 104 -24.73 28.63 -6.75
C ASP B 104 -24.03 29.88 -7.29
N ALA B 105 -22.85 30.21 -6.75
CA ALA B 105 -22.12 31.36 -7.23
C ALA B 105 -21.73 31.20 -8.69
N LEU B 106 -21.42 29.97 -9.09
CA LEU B 106 -21.12 29.71 -10.50
C LEU B 106 -22.33 30.02 -11.37
N LEU B 107 -23.51 29.51 -11.00
CA LEU B 107 -24.67 29.68 -11.87
C LEU B 107 -25.20 31.11 -11.88
N GLU B 108 -25.10 31.81 -10.75
CA GLU B 108 -25.51 33.21 -10.70
C GLU B 108 -24.43 34.16 -11.18
N ALA B 109 -23.27 33.62 -11.57
CA ALA B 109 -22.29 34.37 -12.35
C ALA B 109 -22.30 33.97 -13.82
N GLY B 110 -23.28 33.18 -14.24
CA GLY B 110 -23.43 32.76 -15.63
C GLY B 110 -22.53 31.62 -16.08
N ILE B 111 -21.82 30.97 -15.16
CA ILE B 111 -20.86 29.93 -15.51
C ILE B 111 -21.50 28.56 -15.27
N GLU B 112 -21.43 27.68 -16.26
CA GLU B 112 -22.04 26.37 -16.11
C GLU B 112 -21.11 25.41 -15.38
N PRO B 113 -21.46 24.97 -14.17
CA PRO B 113 -20.54 24.12 -13.40
C PRO B 113 -20.58 22.67 -13.90
N LEU B 114 -19.41 22.10 -14.12
CA LEU B 114 -19.26 20.69 -14.47
C LEU B 114 -18.51 19.97 -13.35
N ALA B 115 -19.06 18.87 -12.86
CA ALA B 115 -18.60 18.26 -11.62
C ALA B 115 -18.00 16.89 -11.85
N THR B 116 -16.78 16.69 -11.36
CA THR B 116 -16.14 15.39 -11.27
C THR B 116 -16.26 14.91 -9.83
N LEU B 117 -16.91 13.77 -9.63
CA LEU B 117 -17.15 13.31 -8.27
C LEU B 117 -15.89 12.74 -7.64
N TYR B 118 -15.11 11.97 -8.39
CA TYR B 118 -13.85 11.45 -7.88
C TYR B 118 -12.71 11.97 -8.74
N HIS B 119 -11.84 12.78 -8.15
CA HIS B 119 -10.63 13.26 -8.81
C HIS B 119 -9.45 13.00 -7.86
N TRP B 120 -9.30 11.72 -7.48
CA TRP B 120 -8.13 11.10 -6.86
C TRP B 120 -8.05 11.26 -5.33
N ASP B 121 -8.96 11.99 -4.69
CA ASP B 121 -8.82 12.30 -3.27
C ASP B 121 -9.76 11.44 -2.42
N LEU B 122 -9.59 10.13 -2.56
CA LEU B 122 -10.38 9.18 -1.79
C LEU B 122 -10.18 9.41 -0.28
N PRO B 123 -11.25 9.36 0.51
CA PRO B 123 -11.09 9.55 1.96
C PRO B 123 -10.14 8.52 2.55
N ALA B 124 -9.41 8.95 3.58
CA ALA B 124 -8.49 8.03 4.24
C ALA B 124 -9.23 6.93 4.98
N ALA B 125 -10.47 7.19 5.41
CA ALA B 125 -11.23 6.18 6.13
C ALA B 125 -11.53 4.98 5.23
N LEU B 126 -11.79 5.23 3.95
CA LEU B 126 -12.09 4.13 3.04
C LEU B 126 -10.83 3.45 2.52
N ASP B 127 -9.68 4.15 2.53
CA ASP B 127 -8.41 3.48 2.31
C ASP B 127 -8.13 2.52 3.44
N ASP B 128 -8.43 2.95 4.67
CA ASP B 128 -8.30 2.08 5.83
C ASP B 128 -9.10 0.78 5.63
N ARG B 129 -10.16 0.82 4.83
CA ARG B 129 -10.98 -0.35 4.56
C ARG B 129 -10.76 -0.90 3.16
N GLY B 130 -9.57 -0.66 2.60
CA GLY B 130 -9.17 -1.29 1.36
C GLY B 130 -9.04 -0.34 0.18
N GLY B 131 -9.62 0.85 0.28
CA GLY B 131 -9.60 1.77 -0.86
C GLY B 131 -10.24 1.12 -2.07
N TRP B 132 -9.57 1.21 -3.21
CA TRP B 132 -10.09 0.60 -4.43
C TRP B 132 -9.77 -0.88 -4.53
N LEU B 133 -9.29 -1.49 -3.44
CA LEU B 133 -9.16 -2.94 -3.37
C LEU B 133 -10.44 -3.60 -2.92
N ASN B 134 -11.24 -2.93 -2.09
CA ASN B 134 -12.45 -3.50 -1.54
C ASN B 134 -13.60 -3.30 -2.51
N PRO B 135 -14.28 -4.36 -2.96
CA PRO B 135 -15.41 -4.15 -3.90
C PRO B 135 -16.60 -3.44 -3.28
N GLU B 136 -16.71 -3.43 -1.94
CA GLU B 136 -17.78 -2.66 -1.31
C GLU B 136 -17.72 -1.18 -1.67
N ILE B 137 -16.58 -0.70 -2.17
CA ILE B 137 -16.47 0.67 -2.63
C ILE B 137 -17.49 0.94 -3.73
N ALA B 138 -17.77 -0.06 -4.56
CA ALA B 138 -18.79 0.10 -5.59
C ALA B 138 -20.07 0.63 -4.97
N HIS B 139 -20.47 0.07 -3.83
CA HIS B 139 -21.61 0.63 -3.11
C HIS B 139 -21.28 1.99 -2.52
N TRP B 140 -20.12 2.09 -1.84
CA TRP B 140 -19.77 3.34 -1.16
C TRP B 140 -19.74 4.53 -2.11
N PHE B 141 -19.36 4.30 -3.37
CA PHE B 141 -19.35 5.38 -4.35
C PHE B 141 -20.78 5.77 -4.73
N ALA B 142 -21.63 4.79 -4.98
CA ALA B 142 -23.00 5.07 -5.42
C ALA B 142 -23.71 5.93 -4.40
N ASP B 143 -23.62 5.57 -3.12
CA ASP B 143 -24.20 6.41 -2.08
C ASP B 143 -23.53 7.77 -2.01
N TYR B 144 -22.20 7.81 -2.13
CA TYR B 144 -21.50 9.09 -2.10
C TYR B 144 -21.98 10.00 -3.22
N ALA B 145 -21.78 9.54 -4.46
CA ALA B 145 -22.35 10.24 -5.61
C ALA B 145 -23.84 10.50 -5.37
N GLY B 146 -24.55 9.52 -4.81
CA GLY B 146 -25.97 9.69 -4.56
C GLY B 146 -26.27 10.99 -3.84
N ALA B 147 -25.58 11.24 -2.73
CA ALA B 147 -25.86 12.44 -1.97
C ALA B 147 -25.73 13.67 -2.86
N MET B 148 -24.64 13.74 -3.63
CA MET B 148 -24.43 14.89 -4.51
C MET B 148 -25.59 15.02 -5.49
N PHE B 149 -25.99 13.92 -6.12
CA PHE B 149 -27.15 13.97 -7.00
C PHE B 149 -28.35 14.50 -6.25
N GLU B 150 -28.58 13.93 -5.06
CA GLU B 150 -29.71 14.24 -4.20
C GLU B 150 -29.78 15.73 -3.93
N ARG B 151 -28.70 16.45 -4.22
CA ARG B 151 -28.82 17.84 -3.87
C ARG B 151 -28.74 18.84 -5.03
N LEU B 152 -27.80 18.66 -5.96
CA LEU B 152 -27.60 19.68 -6.99
C LEU B 152 -27.71 19.17 -8.41
N ASP B 153 -28.40 18.05 -8.62
CA ASP B 153 -28.61 17.57 -9.97
C ASP B 153 -29.42 18.55 -10.79
N GLY B 154 -30.27 19.31 -10.14
CA GLY B 154 -30.94 20.35 -10.86
C GLY B 154 -29.96 21.42 -11.32
N ARG B 155 -29.14 21.95 -10.41
CA ARG B 155 -28.23 23.05 -10.71
C ARG B 155 -27.00 22.61 -11.54
N VAL B 156 -26.46 21.43 -11.23
CA VAL B 156 -25.37 20.80 -12.00
C VAL B 156 -25.99 19.83 -13.00
N LYS B 157 -25.59 19.95 -14.25
CA LYS B 157 -26.23 19.17 -15.31
C LYS B 157 -25.24 18.32 -16.09
N ARG B 158 -23.95 18.42 -15.76
CA ARG B 158 -22.92 17.60 -16.39
C ARG B 158 -22.04 17.01 -15.29
N TRP B 159 -22.19 15.71 -15.05
CA TRP B 159 -21.43 15.01 -14.03
C TRP B 159 -20.46 14.02 -14.68
N ALA B 160 -19.29 13.89 -14.07
CA ALA B 160 -18.34 12.83 -14.41
C ALA B 160 -18.11 11.99 -13.18
N THR B 161 -18.13 10.66 -13.35
CA THR B 161 -17.90 9.77 -12.21
C THR B 161 -16.44 9.80 -11.79
N LEU B 162 -15.54 9.35 -12.67
CA LEU B 162 -14.14 9.19 -12.34
C LEU B 162 -13.28 10.02 -13.28
N ASN B 163 -12.15 10.50 -12.76
CA ASN B 163 -11.18 11.26 -13.55
C ASN B 163 -9.93 10.40 -13.73
N GLU B 164 -9.66 10.01 -14.99
CA GLU B 164 -8.46 9.27 -15.36
C GLU B 164 -8.27 8.04 -14.48
N PRO B 165 -9.10 7.00 -14.62
CA PRO B 165 -8.89 5.79 -13.83
C PRO B 165 -7.53 5.16 -14.06
N TRP B 166 -6.95 5.38 -15.24
CA TRP B 166 -5.68 4.76 -15.57
C TRP B 166 -4.55 5.37 -14.75
N VAL B 167 -4.55 6.69 -14.58
CA VAL B 167 -3.53 7.29 -13.73
C VAL B 167 -3.74 6.85 -12.29
N ILE B 168 -4.99 6.78 -11.84
CA ILE B 168 -5.31 6.30 -10.49
C ILE B 168 -4.62 4.97 -10.23
N THR B 169 -4.83 4.00 -11.13
CA THR B 169 -4.28 2.67 -10.92
C THR B 169 -2.77 2.64 -11.14
N ASP B 170 -2.31 3.08 -12.31
CA ASP B 170 -0.90 2.96 -12.66
C ASP B 170 0.00 3.71 -11.69
N GLY B 171 -0.45 4.87 -11.21
CA GLY B 171 0.35 5.67 -10.30
C GLY B 171 0.14 5.33 -8.84
N GLY B 172 -1.11 5.07 -8.44
CA GLY B 172 -1.42 4.81 -7.05
C GLY B 172 -1.25 3.37 -6.61
N TYR B 173 -1.33 2.43 -7.55
CA TYR B 173 -1.34 1.01 -7.20
C TYR B 173 -0.27 0.18 -7.89
N LEU B 174 0.25 0.62 -9.03
CA LEU B 174 1.25 -0.18 -9.74
C LEU B 174 2.68 0.25 -9.44
N HIS B 175 2.95 1.55 -9.44
CA HIS B 175 4.29 2.05 -9.19
C HIS B 175 4.39 2.93 -7.96
N GLY B 176 3.31 3.11 -7.23
CA GLY B 176 3.36 3.88 -5.99
C GLY B 176 3.80 5.32 -6.13
N ALA B 177 3.74 5.88 -7.35
CA ALA B 177 4.12 7.27 -7.54
C ALA B 177 3.07 8.26 -7.06
N LEU B 178 1.81 7.81 -6.91
CA LEU B 178 0.71 8.63 -6.42
C LEU B 178 -0.01 7.90 -5.31
N ALA B 179 -0.81 8.66 -4.55
CA ALA B 179 -1.60 8.06 -3.47
C ALA B 179 -2.50 6.97 -4.03
N PRO B 180 -2.69 5.85 -3.29
CA PRO B 180 -2.16 5.68 -1.94
C PRO B 180 -0.80 5.01 -1.89
N GLY B 181 -0.02 5.13 -2.95
CA GLY B 181 1.37 4.71 -2.93
C GLY B 181 1.62 3.22 -2.90
N HIS B 182 0.80 2.44 -3.59
CA HIS B 182 0.97 0.99 -3.63
C HIS B 182 1.81 0.57 -4.83
N ARG B 183 2.59 -0.51 -4.64
CA ARG B 183 3.48 -1.06 -5.66
C ARG B 183 3.24 -2.56 -5.75
N ASN B 184 2.23 -2.97 -6.52
CA ASN B 184 1.90 -4.39 -6.60
C ASN B 184 1.18 -4.69 -7.90
N VAL B 185 1.69 -5.66 -8.66
CA VAL B 185 1.10 -5.97 -9.95
C VAL B 185 -0.30 -6.57 -9.80
N PHE B 186 -0.58 -7.21 -8.67
CA PHE B 186 -1.90 -7.81 -8.54
C PHE B 186 -2.97 -6.79 -8.19
N GLU B 187 -2.60 -5.71 -7.50
CA GLU B 187 -3.59 -4.77 -7.01
C GLU B 187 -4.17 -3.93 -8.14
N ALA B 188 -3.33 -3.54 -9.09
CA ALA B 188 -3.75 -2.63 -10.16
C ALA B 188 -4.99 -3.10 -10.92
N PRO B 189 -5.09 -4.36 -11.38
CA PRO B 189 -6.34 -4.76 -12.05
C PRO B 189 -7.51 -4.85 -11.10
N ILE B 190 -7.27 -5.15 -9.82
CA ILE B 190 -8.35 -5.13 -8.83
C ILE B 190 -8.91 -3.72 -8.71
N ALA B 191 -8.02 -2.73 -8.54
CA ALA B 191 -8.48 -1.35 -8.45
C ALA B 191 -9.15 -0.92 -9.75
N SER B 192 -8.65 -1.40 -10.90
CA SER B 192 -9.27 -1.05 -12.17
C SER B 192 -10.71 -1.55 -12.23
N ARG B 193 -10.90 -2.84 -11.93
CA ARG B 193 -12.25 -3.41 -11.94
C ARG B 193 -13.15 -2.70 -10.95
N ASN B 194 -12.67 -2.46 -9.72
CA ASN B 194 -13.53 -1.86 -8.72
C ASN B 194 -13.85 -0.40 -9.05
N LEU B 195 -12.92 0.33 -9.66
CA LEU B 195 -13.23 1.65 -10.20
C LEU B 195 -14.35 1.57 -11.22
N MET B 196 -14.26 0.61 -12.15
CA MET B 196 -15.29 0.51 -13.17
C MET B 196 -16.63 0.11 -12.57
N LEU B 197 -16.62 -0.71 -11.52
CA LEU B 197 -17.86 -1.07 -10.86
C LEU B 197 -18.45 0.11 -10.10
N ALA B 198 -17.61 0.89 -9.43
CA ALA B 198 -18.10 2.10 -8.77
C ALA B 198 -18.69 3.07 -9.79
N HIS B 199 -18.03 3.25 -10.93
CA HIS B 199 -18.58 4.07 -12.00
C HIS B 199 -19.95 3.57 -12.43
N GLY B 200 -20.06 2.27 -12.71
CA GLY B 200 -21.35 1.72 -13.14
C GLY B 200 -22.43 1.89 -12.11
N ALA B 201 -22.10 1.68 -10.83
CA ALA B 201 -23.08 1.88 -9.77
C ALA B 201 -23.50 3.33 -9.68
N ALA B 202 -22.56 4.26 -9.91
CA ALA B 202 -22.92 5.67 -9.89
C ALA B 202 -23.84 6.02 -11.06
N VAL B 203 -23.59 5.43 -12.23
CA VAL B 203 -24.47 5.64 -13.37
C VAL B 203 -25.86 5.09 -13.07
N GLN B 204 -25.92 3.92 -12.41
CA GLN B 204 -27.21 3.34 -12.02
C GLN B 204 -27.95 4.26 -11.06
N ARG B 205 -27.28 4.66 -9.98
CA ARG B 205 -27.87 5.55 -8.98
C ARG B 205 -28.33 6.84 -9.63
N TYR B 206 -27.53 7.40 -10.53
CA TYR B 206 -27.92 8.65 -11.17
C TYR B 206 -29.10 8.46 -12.12
N ARG B 207 -29.09 7.40 -12.92
CA ARG B 207 -30.20 7.16 -13.84
C ARG B 207 -31.50 7.01 -13.06
N GLN B 208 -31.43 6.44 -11.86
CA GLN B 208 -32.64 6.39 -11.02
C GLN B 208 -32.97 7.76 -10.45
N ALA B 209 -31.95 8.54 -10.05
CA ALA B 209 -32.16 9.76 -9.30
C ALA B 209 -31.97 11.06 -10.08
N GLY B 210 -31.32 11.01 -11.24
CA GLY B 210 -30.86 12.20 -11.93
C GLY B 210 -31.63 12.51 -13.21
N LYS B 211 -31.63 13.78 -13.61
CA LYS B 211 -32.38 14.20 -14.78
C LYS B 211 -31.52 14.64 -15.97
N HIS B 212 -30.28 15.03 -15.77
CA HIS B 212 -29.43 15.57 -16.85
C HIS B 212 -28.37 14.55 -17.21
N GLU B 213 -27.09 14.92 -17.29
CA GLU B 213 -26.03 14.16 -17.94
C GLU B 213 -25.06 13.58 -16.92
N ILE B 214 -24.57 12.37 -17.19
CA ILE B 214 -23.47 11.79 -16.42
C ILE B 214 -22.62 10.96 -17.37
N GLY B 215 -21.31 11.03 -17.14
CA GLY B 215 -20.36 10.38 -18.03
C GLY B 215 -19.09 9.98 -17.31
N LEU B 216 -18.01 9.84 -18.08
CA LEU B 216 -16.75 9.38 -17.53
C LEU B 216 -15.63 10.21 -18.15
N VAL B 217 -14.54 10.36 -17.41
CA VAL B 217 -13.39 11.13 -17.84
C VAL B 217 -12.18 10.20 -17.91
N VAL B 218 -11.61 10.07 -19.10
CA VAL B 218 -10.43 9.24 -19.32
C VAL B 218 -9.31 10.10 -19.90
N ASN B 219 -8.07 9.73 -19.57
CA ASN B 219 -6.94 10.27 -20.31
C ASN B 219 -6.61 9.33 -21.46
N ILE B 220 -6.19 9.90 -22.58
CA ILE B 220 -5.81 9.14 -23.77
C ILE B 220 -4.50 9.70 -24.29
N GLU B 221 -3.56 8.81 -24.57
CA GLU B 221 -2.25 9.17 -25.09
C GLU B 221 -1.93 8.22 -26.24
N PRO B 222 -2.00 8.68 -27.49
CA PRO B 222 -1.69 7.81 -28.62
C PRO B 222 -0.28 7.24 -28.48
N LYS B 223 -0.06 6.11 -29.12
CA LYS B 223 1.19 5.39 -29.00
C LYS B 223 1.82 5.21 -30.38
N TYR B 224 3.15 5.37 -30.43
CA TYR B 224 3.88 5.28 -31.68
C TYR B 224 5.13 4.43 -31.45
N PRO B 225 5.43 3.49 -32.34
CA PRO B 225 6.66 2.70 -32.17
C PRO B 225 7.91 3.57 -32.32
N ALA B 226 8.90 3.31 -31.45
CA ALA B 226 10.14 4.08 -31.51
C ALA B 226 10.99 3.67 -32.71
N SER B 227 10.99 2.38 -33.04
CA SER B 227 11.53 1.84 -34.28
C SER B 227 10.50 0.87 -34.85
N GLU B 228 10.78 0.33 -36.03
CA GLU B 228 9.93 -0.72 -36.59
C GLU B 228 10.42 -2.11 -36.19
N SER B 229 11.31 -2.19 -35.20
CA SER B 229 11.59 -3.45 -34.55
C SER B 229 10.30 -4.07 -34.06
N ASP B 230 10.25 -5.41 -34.05
CA ASP B 230 9.07 -6.10 -33.53
C ASP B 230 8.81 -5.79 -32.06
N SER B 231 9.83 -5.61 -31.21
CA SER B 231 9.49 -5.40 -29.80
C SER B 231 8.98 -4.00 -29.57
N ASP B 232 9.59 -3.05 -30.26
CA ASP B 232 9.19 -1.66 -30.10
C ASP B 232 7.78 -1.47 -30.61
N ARG B 233 7.44 -2.12 -31.71
CA ARG B 233 6.08 -2.06 -32.24
C ARG B 233 5.08 -2.72 -31.30
N ASN B 234 5.40 -3.93 -30.81
CA ASN B 234 4.51 -4.63 -29.90
C ASN B 234 4.36 -3.88 -28.58
N ALA B 235 5.47 -3.34 -28.09
CA ALA B 235 5.47 -2.51 -26.88
C ALA B 235 4.54 -1.33 -27.06
N ALA B 236 4.62 -0.66 -28.21
CA ALA B 236 3.73 0.46 -28.45
C ALA B 236 2.28 0.02 -28.49
N ALA B 237 1.99 -1.10 -29.16
CA ALA B 237 0.59 -1.50 -29.31
C ALA B 237 -0.04 -1.88 -27.96
N ARG B 238 0.72 -2.49 -27.07
CA ARG B 238 0.16 -2.74 -25.75
C ARG B 238 0.21 -1.53 -24.83
N SER B 239 1.17 -0.63 -25.00
CA SER B 239 1.02 0.65 -24.31
C SER B 239 -0.33 1.23 -24.66
N ASP B 240 -0.69 1.15 -25.93
CA ASP B 240 -1.97 1.67 -26.41
C ASP B 240 -3.14 0.96 -25.76
N ALA B 241 -3.07 -0.37 -25.69
CA ALA B 241 -4.16 -1.11 -25.08
C ALA B 241 -4.26 -0.83 -23.59
N TYR B 242 -3.16 -1.03 -22.86
CA TYR B 242 -3.14 -0.91 -21.41
C TYR B 242 -3.50 0.50 -20.95
N MET B 243 -3.24 1.52 -21.78
CA MET B 243 -3.49 2.88 -21.36
C MET B 243 -4.79 3.45 -21.92
N ASN B 244 -5.04 3.27 -23.21
CA ASN B 244 -6.19 3.88 -23.84
C ASN B 244 -7.46 3.03 -23.74
N ARG B 245 -7.37 1.70 -23.90
CA ARG B 245 -8.58 0.93 -24.10
C ARG B 245 -9.02 0.16 -22.86
N GLN B 246 -8.11 -0.05 -21.90
CA GLN B 246 -8.41 -0.85 -20.72
C GLN B 246 -9.63 -0.33 -19.99
N TYR B 247 -9.94 0.96 -20.13
CA TYR B 247 -11.04 1.57 -19.40
C TYR B 247 -12.24 1.93 -20.26
N LEU B 248 -12.04 2.31 -21.53
CA LEU B 248 -13.19 2.62 -22.38
C LEU B 248 -13.91 1.36 -22.85
N ASP B 249 -13.16 0.28 -23.09
CA ASP B 249 -13.79 -0.97 -23.48
C ASP B 249 -14.78 -1.49 -22.44
N PRO B 250 -14.45 -1.53 -21.14
CA PRO B 250 -15.47 -1.93 -20.16
C PRO B 250 -16.66 -0.97 -20.11
N ALA B 251 -16.40 0.33 -20.02
CA ALA B 251 -17.48 1.31 -19.89
C ALA B 251 -18.50 1.18 -21.02
N PHE B 252 -18.04 0.85 -22.23
CA PHE B 252 -18.91 0.65 -23.37
C PHE B 252 -19.24 -0.81 -23.63
N GLY B 253 -18.99 -1.70 -22.67
CA GLY B 253 -19.39 -3.10 -22.81
C GLY B 253 -18.72 -3.86 -23.94
N LEU B 254 -17.43 -3.60 -24.17
CA LEU B 254 -16.63 -4.38 -25.11
C LEU B 254 -15.64 -5.26 -24.38
N GLY B 255 -16.01 -5.69 -23.17
CA GLY B 255 -15.12 -6.49 -22.36
C GLY B 255 -13.87 -5.73 -22.00
N CYS B 256 -12.81 -6.48 -21.72
CA CYS B 256 -11.51 -5.92 -21.43
C CYS B 256 -10.51 -6.37 -22.48
N PRO B 257 -9.49 -5.57 -22.77
CA PRO B 257 -8.56 -5.93 -23.84
C PRO B 257 -7.76 -7.17 -23.48
N THR B 258 -7.51 -8.00 -24.51
CA THR B 258 -6.71 -9.21 -24.34
C THR B 258 -5.31 -8.89 -23.80
N GLU B 259 -4.79 -7.70 -24.12
CA GLU B 259 -3.47 -7.34 -23.66
C GLU B 259 -3.43 -7.17 -22.15
N MET B 260 -4.57 -7.02 -21.48
CA MET B 260 -4.55 -7.04 -20.02
C MET B 260 -4.05 -8.39 -19.51
N ALA B 261 -4.65 -9.47 -20.00
CA ALA B 261 -4.14 -10.80 -19.68
C ALA B 261 -2.70 -10.94 -20.14
N GLU B 262 -2.41 -10.53 -21.37
CA GLU B 262 -1.05 -10.69 -21.89
C GLU B 262 -0.02 -10.01 -20.98
N ILE B 263 -0.33 -8.80 -20.52
CA ILE B 263 0.63 -8.01 -19.75
C ILE B 263 0.77 -8.55 -18.33
N PHE B 264 -0.34 -8.95 -17.71
CA PHE B 264 -0.30 -9.24 -16.29
C PHE B 264 -0.12 -10.73 -15.95
N GLY B 265 -0.38 -11.64 -16.88
CA GLY B 265 -0.24 -13.05 -16.64
C GLY B 265 -1.05 -13.50 -15.45
N PRO B 266 -0.39 -14.19 -14.52
CA PRO B 266 -1.05 -14.60 -13.28
C PRO B 266 -1.72 -13.46 -12.50
N ALA B 267 -1.24 -12.23 -12.69
CA ALA B 267 -1.83 -11.08 -12.00
C ALA B 267 -3.21 -10.71 -12.54
N TRP B 268 -3.61 -11.30 -13.66
CA TRP B 268 -4.88 -10.95 -14.30
C TRP B 268 -5.90 -12.07 -14.12
N ARG B 269 -7.17 -11.66 -14.05
CA ARG B 269 -8.28 -12.58 -14.15
C ARG B 269 -9.39 -11.93 -14.99
N ASP B 270 -10.10 -12.76 -15.76
CA ASP B 270 -11.26 -12.28 -16.47
C ASP B 270 -12.33 -11.84 -15.47
N TRP B 271 -13.13 -10.85 -15.85
CA TRP B 271 -14.23 -10.40 -15.02
C TRP B 271 -15.45 -11.29 -15.24
N THR B 272 -16.29 -11.38 -14.22
CA THR B 272 -17.56 -12.08 -14.38
C THR B 272 -18.57 -11.21 -15.11
N ALA B 273 -19.55 -11.87 -15.73
CA ALA B 273 -20.56 -11.16 -16.50
C ALA B 273 -21.29 -10.12 -15.64
N GLU B 274 -21.39 -10.35 -14.34
CA GLU B 274 -21.93 -9.33 -13.45
C GLU B 274 -21.04 -8.10 -13.41
N GLU B 275 -19.72 -8.31 -13.24
CA GLU B 275 -18.76 -7.22 -13.27
C GLU B 275 -18.87 -6.41 -14.56
N LEU B 276 -18.73 -7.07 -15.72
CA LEU B 276 -18.84 -6.38 -17.00
C LEU B 276 -20.19 -5.70 -17.16
N ALA B 277 -21.27 -6.40 -16.78
CA ALA B 277 -22.62 -5.89 -17.00
C ALA B 277 -22.86 -4.62 -16.20
N LEU B 278 -22.42 -4.57 -14.95
CA LEU B 278 -22.62 -3.34 -14.20
C LEU B 278 -21.63 -2.26 -14.60
N ALA B 279 -20.45 -2.65 -15.10
CA ALA B 279 -19.52 -1.62 -15.55
C ALA B 279 -20.09 -0.88 -16.77
N ALA B 280 -20.66 -1.62 -17.72
CA ALA B 280 -21.09 -1.03 -18.99
C ALA B 280 -22.45 -0.35 -18.87
N GLN B 281 -22.49 0.69 -18.06
CA GLN B 281 -23.75 1.39 -17.93
C GLN B 281 -23.83 2.51 -18.96
N PRO B 282 -24.89 2.58 -19.76
CA PRO B 282 -24.98 3.61 -20.80
C PRO B 282 -24.85 5.00 -20.19
N ILE B 283 -24.01 5.82 -20.80
CA ILE B 283 -23.71 7.15 -20.29
C ILE B 283 -24.19 8.20 -21.30
N ASP B 284 -24.25 9.45 -20.84
CA ASP B 284 -24.80 10.56 -21.62
C ASP B 284 -23.74 11.30 -22.41
N TRP B 285 -22.56 11.48 -21.82
CA TRP B 285 -21.46 12.20 -22.44
C TRP B 285 -20.16 11.50 -22.05
N LEU B 286 -19.08 11.86 -22.74
CA LEU B 286 -17.75 11.34 -22.43
C LEU B 286 -16.76 12.49 -22.42
N GLY B 287 -15.90 12.52 -21.41
CA GLY B 287 -14.89 13.55 -21.26
C GLY B 287 -13.52 12.99 -21.57
N ILE B 288 -12.76 13.71 -22.39
CA ILE B 288 -11.48 13.24 -22.85
C ILE B 288 -10.39 14.18 -22.37
N ASN B 289 -9.40 13.64 -21.66
CA ASN B 289 -8.22 14.38 -21.25
C ASN B 289 -7.09 14.00 -22.20
N TYR B 290 -6.54 14.99 -22.89
CA TYR B 290 -5.43 14.76 -23.80
C TYR B 290 -4.31 15.75 -23.49
N TYR B 291 -3.09 15.27 -23.56
CA TYR B 291 -1.94 16.17 -23.40
C TYR B 291 -0.87 15.95 -24.45
N THR B 292 -0.53 14.70 -24.75
CA THR B 292 0.58 14.42 -25.65
C THR B 292 0.40 13.01 -26.20
N ARG B 293 1.39 12.57 -26.97
CA ARG B 293 1.54 11.19 -27.40
C ARG B 293 2.74 10.57 -26.70
N GLY B 294 2.84 9.25 -26.81
CA GLY B 294 4.02 8.55 -26.34
C GLY B 294 4.67 7.73 -27.44
N VAL B 295 5.97 7.91 -27.63
CA VAL B 295 6.75 7.10 -28.56
C VAL B 295 7.43 6.03 -27.71
N MET B 296 6.97 4.79 -27.86
CA MET B 296 7.27 3.73 -26.92
C MET B 296 8.34 2.79 -27.48
N LYS B 297 9.33 2.49 -26.64
CA LYS B 297 10.37 1.50 -26.89
C LYS B 297 10.23 0.38 -25.87
N HIS B 298 10.70 -0.81 -26.22
CA HIS B 298 10.63 -1.95 -25.32
C HIS B 298 11.72 -1.87 -24.25
N ASP B 299 11.34 -2.08 -22.99
CA ASP B 299 12.29 -2.10 -21.89
C ASP B 299 11.85 -3.17 -20.90
N ASP B 300 12.52 -4.32 -20.92
CA ASP B 300 12.19 -5.39 -19.98
C ASP B 300 12.40 -4.95 -18.54
N ALA B 301 13.27 -3.98 -18.32
CA ALA B 301 13.53 -3.47 -16.97
C ALA B 301 12.33 -2.74 -16.38
N LYS B 302 11.24 -2.57 -17.12
CA LYS B 302 10.04 -1.90 -16.63
C LYS B 302 8.80 -2.79 -16.70
N PRO B 303 8.82 -3.94 -16.03
CA PRO B 303 7.64 -4.82 -16.03
C PRO B 303 6.49 -4.17 -15.27
N PRO B 304 5.25 -4.62 -15.49
CA PRO B 304 4.83 -5.69 -16.41
C PRO B 304 4.69 -5.25 -17.88
N VAL B 305 4.41 -3.96 -18.12
CA VAL B 305 4.19 -3.48 -19.47
C VAL B 305 5.48 -3.54 -20.29
N ARG B 306 6.62 -3.25 -19.65
CA ARG B 306 7.92 -3.28 -20.30
C ARG B 306 7.96 -2.38 -21.53
N ALA B 307 7.51 -1.14 -21.35
CA ALA B 307 7.66 -0.10 -22.35
C ALA B 307 8.22 1.15 -21.67
N ASP B 308 8.92 1.96 -22.45
CA ASP B 308 9.54 3.20 -21.98
C ASP B 308 9.36 4.26 -23.06
N TYR B 309 9.50 5.52 -22.66
CA TYR B 309 9.37 6.66 -23.57
C TYR B 309 10.72 7.01 -24.19
N VAL B 310 10.67 7.48 -25.44
CA VAL B 310 11.85 7.97 -26.15
C VAL B 310 11.60 9.40 -26.57
N ARG B 311 12.45 10.31 -26.10
CA ARG B 311 12.31 11.72 -26.44
C ARG B 311 12.59 11.93 -27.93
N GLN B 312 11.74 12.72 -28.57
CA GLN B 312 11.91 13.03 -29.98
C GLN B 312 12.78 14.27 -30.13
N PRO B 313 13.90 14.20 -30.85
CA PRO B 313 14.71 15.39 -31.08
C PRO B 313 14.02 16.36 -32.03
N GLY B 314 14.26 17.64 -31.80
CA GLY B 314 13.61 18.67 -32.58
C GLY B 314 12.15 18.87 -32.26
N ALA B 315 11.54 17.98 -31.49
CA ALA B 315 10.18 18.19 -31.01
C ALA B 315 10.22 18.99 -29.71
N THR B 316 9.11 19.65 -29.41
CA THR B 316 9.01 20.48 -28.21
C THR B 316 8.45 19.66 -27.06
N TYR B 317 9.05 19.82 -25.89
CA TYR B 317 8.57 19.18 -24.68
C TYR B 317 8.34 20.26 -23.62
N THR B 318 7.44 19.96 -22.70
CA THR B 318 7.07 20.90 -21.67
C THR B 318 7.78 20.54 -20.36
N GLU B 319 7.56 21.36 -19.34
CA GLU B 319 8.19 21.16 -18.04
C GLU B 319 7.80 19.83 -17.41
N THR B 320 6.91 19.08 -18.04
CA THR B 320 6.52 17.74 -17.59
C THR B 320 7.06 16.65 -18.51
N GLY B 321 7.91 16.99 -19.47
CA GLY B 321 8.42 16.00 -20.39
C GLY B 321 7.39 15.52 -21.39
N TRP B 322 6.38 16.32 -21.68
CA TRP B 322 5.32 15.93 -22.61
C TRP B 322 5.53 16.62 -23.94
N GLU B 323 5.57 15.83 -24.99
CA GLU B 323 5.80 16.36 -26.33
C GLU B 323 4.57 17.18 -26.76
N VAL B 324 4.82 18.30 -27.43
CA VAL B 324 3.74 19.07 -28.03
C VAL B 324 3.38 18.39 -29.34
N PHE B 325 2.22 17.73 -29.38
CA PHE B 325 1.79 16.93 -30.52
C PHE B 325 0.28 17.08 -30.67
N GLU B 326 -0.13 18.25 -31.19
CA GLU B 326 -1.55 18.54 -31.30
C GLU B 326 -2.25 17.60 -32.27
N GLN B 327 -1.53 17.05 -33.25
CA GLN B 327 -2.14 16.09 -34.17
C GLN B 327 -2.72 14.91 -33.40
N GLY B 328 -2.04 14.50 -32.32
CA GLY B 328 -2.54 13.40 -31.52
C GLY B 328 -3.89 13.69 -30.90
N LEU B 329 -4.19 14.96 -30.68
CA LEU B 329 -5.52 15.33 -30.22
C LEU B 329 -6.55 15.00 -31.31
N THR B 330 -6.32 15.47 -32.53
CA THR B 330 -7.24 15.22 -33.64
C THR B 330 -7.50 13.73 -33.80
N GLU B 331 -6.47 12.97 -34.15
CA GLU B 331 -6.61 11.53 -34.30
C GLU B 331 -7.30 10.90 -33.10
N THR B 332 -7.03 11.41 -31.88
CA THR B 332 -7.64 10.79 -30.71
C THR B 332 -9.15 10.94 -30.76
N LEU B 333 -9.64 12.16 -30.97
CA LEU B 333 -11.08 12.39 -30.89
C LEU B 333 -11.80 11.59 -31.96
N LEU B 334 -11.34 11.70 -33.21
CA LEU B 334 -11.94 10.93 -34.28
C LEU B 334 -11.91 9.45 -33.95
N TRP B 335 -10.78 8.99 -33.37
CA TRP B 335 -10.65 7.59 -33.01
C TRP B 335 -11.80 7.15 -32.12
N VAL B 336 -12.08 7.93 -31.07
CA VAL B 336 -13.13 7.55 -30.14
C VAL B 336 -14.42 7.32 -30.92
N LYS B 337 -14.76 8.27 -31.79
CA LYS B 337 -15.96 8.15 -32.60
C LYS B 337 -16.04 6.79 -33.25
N GLU B 338 -15.02 6.46 -34.06
CA GLU B 338 -15.16 5.27 -34.89
C GLU B 338 -15.10 4.00 -34.07
N ARG B 339 -14.51 4.05 -32.87
CA ARG B 339 -14.53 2.87 -32.04
C ARG B 339 -15.77 2.79 -31.16
N TYR B 340 -16.28 3.94 -30.70
CA TYR B 340 -17.25 3.91 -29.63
C TYR B 340 -18.63 4.46 -30.00
N GLY B 341 -18.74 5.16 -31.12
CA GLY B 341 -20.04 5.59 -31.59
C GLY B 341 -20.14 7.10 -31.67
N ASP B 342 -21.37 7.61 -31.65
CA ASP B 342 -21.61 9.04 -31.79
C ASP B 342 -21.97 9.69 -30.46
N ILE B 343 -21.42 9.17 -29.36
CA ILE B 343 -21.66 9.77 -28.04
C ILE B 343 -21.03 11.17 -28.01
N PRO B 344 -21.66 12.16 -27.37
CA PRO B 344 -21.07 13.50 -27.33
C PRO B 344 -19.77 13.51 -26.55
N LEU B 345 -18.83 14.34 -27.00
CA LEU B 345 -17.48 14.41 -26.46
C LEU B 345 -17.22 15.81 -25.94
N TYR B 346 -16.75 15.91 -24.71
CA TYR B 346 -16.25 17.16 -24.17
C TYR B 346 -14.76 17.01 -23.86
N VAL B 347 -13.93 17.89 -24.42
CA VAL B 347 -12.51 17.88 -24.06
C VAL B 347 -12.39 18.45 -22.66
N THR B 348 -12.29 17.56 -21.67
CA THR B 348 -12.33 17.96 -20.27
C THR B 348 -10.97 18.32 -19.70
N GLU B 349 -9.89 18.10 -20.45
CA GLU B 349 -8.57 18.54 -20.01
C GLU B 349 -7.65 18.66 -21.21
N ASN B 350 -6.95 19.80 -21.31
CA ASN B 350 -5.89 20.03 -22.27
C ASN B 350 -5.15 21.30 -21.85
N GLY B 351 -3.82 21.28 -21.97
CA GLY B 351 -3.03 22.42 -21.54
C GLY B 351 -1.56 22.05 -21.56
N SER B 352 -0.76 22.93 -20.97
CA SER B 352 0.68 22.73 -20.98
C SER B 352 1.31 23.44 -19.78
N ALA B 353 2.51 22.98 -19.44
CA ALA B 353 3.28 23.53 -18.32
C ALA B 353 4.62 24.03 -18.85
N PHE B 354 4.87 25.33 -18.70
CA PHE B 354 6.11 25.94 -19.14
C PHE B 354 6.67 26.78 -18.01
N ASP B 355 7.94 27.13 -18.15
CA ASP B 355 8.70 27.74 -17.06
C ASP B 355 8.22 29.16 -16.83
N ASP B 356 7.30 29.35 -15.84
CA ASP B 356 6.89 30.70 -15.53
C ASP B 356 7.59 31.21 -14.28
N PRO B 357 7.84 32.52 -14.21
CA PRO B 357 8.48 33.11 -13.02
C PRO B 357 7.60 33.00 -11.79
N PRO B 358 8.19 33.12 -10.59
CA PRO B 358 7.38 33.02 -9.36
C PRO B 358 6.30 34.07 -9.26
N THR B 359 6.50 35.24 -9.86
CA THR B 359 5.52 36.31 -9.79
C THR B 359 5.28 36.91 -11.16
N ALA B 360 4.21 37.68 -11.24
CA ALA B 360 3.93 38.47 -12.42
C ALA B 360 4.54 39.83 -12.17
N GLN B 361 5.18 40.38 -13.18
CA GLN B 361 5.84 41.67 -13.08
C GLN B 361 5.01 42.65 -13.92
N GLY B 362 4.52 43.70 -13.28
CA GLY B 362 3.64 44.67 -13.88
C GLY B 362 2.23 44.17 -14.12
N GLY B 363 1.85 43.03 -13.55
CA GLY B 363 0.52 42.46 -13.75
C GLY B 363 0.37 41.67 -15.02
N ARG B 364 1.46 41.29 -15.67
CA ARG B 364 1.45 40.53 -16.89
C ARG B 364 2.35 39.30 -16.69
N LEU B 365 2.03 38.23 -17.41
CA LEU B 365 2.91 37.08 -17.45
C LEU B 365 2.94 36.54 -18.87
N GLU B 366 4.10 36.63 -19.51
CA GLU B 366 4.24 36.29 -20.92
C GLU B 366 4.59 34.80 -20.98
N ASP B 367 3.67 34.02 -21.53
CA ASP B 367 3.85 32.58 -21.66
C ASP B 367 3.60 32.20 -23.11
N PRO B 368 4.47 32.64 -24.02
CA PRO B 368 4.23 32.36 -25.45
C PRO B 368 4.17 30.88 -25.77
N ALA B 369 4.97 30.05 -25.10
CA ALA B 369 4.91 28.62 -25.35
C ALA B 369 3.53 28.05 -25.00
N ARG B 370 2.97 28.47 -23.87
CA ARG B 370 1.64 28.01 -23.48
C ARG B 370 0.59 28.50 -24.45
N VAL B 371 0.69 29.78 -24.86
CA VAL B 371 -0.21 30.32 -25.88
C VAL B 371 -0.13 29.49 -27.15
N ASP B 372 1.09 29.17 -27.57
CA ASP B 372 1.30 28.40 -28.78
C ASP B 372 0.64 27.03 -28.68
N TYR B 373 0.87 26.32 -27.58
CA TYR B 373 0.21 25.05 -27.35
C TYR B 373 -1.31 25.20 -27.43
N LEU B 374 -1.85 26.25 -26.81
CA LEU B 374 -3.30 26.44 -26.80
C LEU B 374 -3.84 26.63 -28.20
N GLU B 375 -3.15 27.42 -29.03
CA GLU B 375 -3.59 27.62 -30.40
C GLU B 375 -3.52 26.33 -31.21
N ARG B 376 -2.37 25.65 -31.17
CA ARG B 376 -2.20 24.42 -31.93
C ARG B 376 -3.28 23.41 -31.58
N HIS B 377 -3.55 23.24 -30.28
CA HIS B 377 -4.51 22.22 -29.89
C HIS B 377 -5.95 22.66 -30.13
N LEU B 378 -6.25 23.96 -30.05
CA LEU B 378 -7.58 24.41 -30.43
C LEU B 378 -7.84 24.19 -31.92
N ARG B 379 -6.85 24.48 -32.75
CA ARG B 379 -6.96 24.17 -34.19
C ARG B 379 -7.13 22.67 -34.41
N ALA B 380 -6.45 21.85 -33.61
CA ALA B 380 -6.63 20.41 -33.71
C ALA B 380 -8.07 20.01 -33.39
N VAL B 381 -8.65 20.62 -32.36
CA VAL B 381 -10.04 20.34 -32.02
C VAL B 381 -10.95 20.70 -33.19
N HIS B 382 -10.73 21.86 -33.79
CA HIS B 382 -11.56 22.29 -34.92
C HIS B 382 -11.42 21.31 -36.09
N ALA B 383 -10.20 20.84 -36.34
CA ALA B 383 -9.99 19.85 -37.39
C ALA B 383 -10.73 18.57 -37.07
N ALA B 384 -10.81 18.22 -35.79
CA ALA B 384 -11.61 17.05 -35.41
C ALA B 384 -13.08 17.27 -35.72
N ILE B 385 -13.61 18.42 -35.32
CA ILE B 385 -15.01 18.73 -35.59
C ILE B 385 -15.29 18.71 -37.07
N ALA B 386 -14.32 19.12 -37.88
CA ALA B 386 -14.49 19.06 -39.33
C ALA B 386 -14.64 17.62 -39.81
N GLY B 387 -13.96 16.67 -39.16
CA GLY B 387 -13.99 15.27 -39.54
C GLY B 387 -15.15 14.45 -39.04
N GLY B 388 -16.15 15.06 -38.39
CA GLY B 388 -17.29 14.31 -37.91
C GLY B 388 -17.34 14.10 -36.41
N ALA B 389 -16.34 14.55 -35.67
CA ALA B 389 -16.32 14.39 -34.23
C ALA B 389 -17.34 15.32 -33.58
N ASP B 390 -18.23 14.75 -32.77
CA ASP B 390 -19.27 15.54 -32.11
C ASP B 390 -18.72 16.07 -30.79
N VAL B 391 -17.80 17.03 -30.92
CA VAL B 391 -17.19 17.69 -29.78
C VAL B 391 -18.03 18.90 -29.41
N ARG B 392 -18.43 18.98 -28.15
CA ARG B 392 -19.33 20.01 -27.68
C ARG B 392 -18.70 20.97 -26.68
N GLY B 393 -17.49 20.71 -26.20
CA GLY B 393 -16.91 21.58 -25.19
C GLY B 393 -15.41 21.43 -25.07
N TYR B 394 -14.81 22.39 -24.35
CA TYR B 394 -13.38 22.42 -24.10
C TYR B 394 -13.12 23.06 -22.75
N MET B 395 -12.35 22.38 -21.91
CA MET B 395 -11.99 22.86 -20.58
C MET B 395 -10.48 22.94 -20.53
N ALA B 396 -9.96 24.15 -20.45
CA ALA B 396 -8.52 24.35 -20.39
C ALA B 396 -8.00 23.94 -19.02
N TRP B 397 -7.02 23.02 -19.00
CA TRP B 397 -6.27 22.70 -17.79
C TRP B 397 -4.99 23.52 -17.76
N SER B 398 -4.86 24.37 -16.76
CA SER B 398 -5.89 24.53 -15.75
C SER B 398 -6.30 25.99 -15.63
N LEU B 399 -7.35 26.25 -14.85
CA LEU B 399 -7.70 27.65 -14.57
C LEU B 399 -6.59 28.34 -13.79
N LEU B 400 -6.02 27.64 -12.82
CA LEU B 400 -4.99 28.20 -11.97
C LEU B 400 -3.77 27.29 -11.93
N ASP B 401 -2.60 27.90 -11.85
CA ASP B 401 -1.41 27.14 -11.46
C ASP B 401 -1.70 26.40 -10.17
N ASN B 402 -1.53 25.08 -10.19
CA ASN B 402 -1.91 24.30 -9.02
C ASN B 402 -0.80 23.37 -8.58
N LEU B 403 -1.13 22.45 -7.68
CA LEU B 403 -0.22 21.43 -7.21
C LEU B 403 -0.27 20.26 -8.19
N GLU B 404 0.80 20.08 -8.95
CA GLU B 404 0.85 18.99 -9.92
C GLU B 404 1.13 17.68 -9.20
N TRP B 405 0.37 17.40 -8.14
CA TRP B 405 0.43 16.14 -7.39
C TRP B 405 1.86 16.00 -6.88
N SER B 406 2.49 14.84 -7.03
CA SER B 406 3.82 14.63 -6.46
C SER B 406 4.91 15.37 -7.20
N LEU B 407 4.58 16.01 -8.32
CA LEU B 407 5.52 16.91 -8.96
C LEU B 407 5.52 18.29 -8.34
N GLY B 408 4.50 18.63 -7.56
CA GLY B 408 4.49 19.87 -6.83
C GLY B 408 4.16 21.08 -7.70
N PHE B 409 4.28 22.24 -7.05
CA PHE B 409 3.96 23.51 -7.70
C PHE B 409 4.95 23.88 -8.79
N SER B 410 5.99 23.08 -9.01
CA SER B 410 7.00 23.41 -10.00
C SER B 410 6.45 23.34 -11.42
N LYS B 411 5.34 22.64 -11.63
CA LYS B 411 4.76 22.45 -12.95
C LYS B 411 3.44 23.23 -13.00
N ARG B 412 3.47 24.37 -13.68
CA ARG B 412 2.33 25.28 -13.68
C ARG B 412 1.52 25.09 -14.95
N PHE B 413 0.27 24.67 -14.81
CA PHE B 413 -0.63 24.43 -15.93
C PHE B 413 -1.64 25.57 -16.15
N GLY B 414 -1.67 26.56 -15.28
CA GLY B 414 -2.78 27.51 -15.28
C GLY B 414 -2.69 28.52 -16.41
N ILE B 415 -3.86 28.86 -16.96
CA ILE B 415 -3.94 30.04 -17.81
C ILE B 415 -3.89 31.30 -16.98
N VAL B 416 -4.20 31.20 -15.68
CA VAL B 416 -3.99 32.28 -14.73
C VAL B 416 -2.77 31.94 -13.88
N HIS B 417 -1.82 32.87 -13.82
CA HIS B 417 -0.67 32.69 -12.95
C HIS B 417 -1.08 32.90 -11.50
N ILE B 418 -0.57 32.04 -10.62
CA ILE B 418 -0.75 32.18 -9.19
C ILE B 418 0.61 32.46 -8.58
N ASP B 419 0.74 33.61 -7.95
CA ASP B 419 1.88 33.89 -7.08
C ASP B 419 1.60 33.18 -5.77
N PHE B 420 2.22 32.00 -5.61
CA PHE B 420 1.95 31.12 -4.48
C PHE B 420 2.41 31.69 -3.15
N GLU B 421 3.38 32.60 -3.17
CA GLU B 421 3.80 33.20 -1.90
C GLU B 421 2.80 34.24 -1.41
N THR B 422 1.99 34.80 -2.29
CA THR B 422 1.00 35.79 -1.92
C THR B 422 -0.40 35.42 -2.38
N GLN B 423 -0.56 34.28 -3.06
CA GLN B 423 -1.84 33.82 -3.61
C GLN B 423 -2.41 34.83 -4.61
N GLN B 424 -1.53 35.58 -5.27
CA GLN B 424 -2.00 36.61 -6.19
C GLN B 424 -2.35 36.02 -7.56
N ARG B 425 -3.56 36.27 -8.02
CA ARG B 425 -3.94 35.88 -9.37
C ARG B 425 -3.45 36.92 -10.37
N THR B 426 -2.97 36.44 -11.51
CA THR B 426 -2.61 37.31 -12.62
C THR B 426 -2.88 36.59 -13.94
N PRO B 427 -3.88 37.01 -14.72
CA PRO B 427 -4.13 36.33 -16.00
C PRO B 427 -2.92 36.37 -16.92
N LYS B 428 -2.55 35.20 -17.45
CA LYS B 428 -1.44 35.07 -18.38
C LYS B 428 -1.87 35.46 -19.79
N ASP B 429 -0.88 35.57 -20.68
CA ASP B 429 -1.18 35.79 -22.09
C ASP B 429 -2.07 34.67 -22.64
N SER B 430 -1.81 33.42 -22.22
CA SER B 430 -2.69 32.31 -22.54
C SER B 430 -4.14 32.65 -22.21
N ALA B 431 -4.38 33.18 -21.01
CA ALA B 431 -5.75 33.49 -20.62
C ALA B 431 -6.35 34.57 -21.52
N ARG B 432 -5.55 35.56 -21.92
CA ARG B 432 -6.08 36.59 -22.81
C ARG B 432 -6.47 35.99 -24.15
N LEU B 433 -5.58 35.19 -24.74
CA LEU B 433 -5.92 34.57 -26.01
C LEU B 433 -7.12 33.64 -25.88
N TYR B 434 -7.20 32.91 -24.77
CA TYR B 434 -8.34 32.01 -24.59
C TYR B 434 -9.64 32.79 -24.49
N SER B 435 -9.61 33.93 -23.81
CA SER B 435 -10.84 34.70 -23.69
C SER B 435 -11.24 35.33 -25.02
N THR B 436 -10.25 35.76 -25.80
CA THR B 436 -10.56 36.20 -27.16
C THR B 436 -11.10 35.04 -27.98
N VAL B 437 -10.60 33.83 -27.73
CA VAL B 437 -11.08 32.65 -28.45
C VAL B 437 -12.53 32.36 -28.10
N ILE B 438 -12.89 32.50 -26.82
CA ILE B 438 -14.26 32.26 -26.40
C ILE B 438 -15.19 33.30 -26.99
N ALA B 439 -14.81 34.58 -26.88
CA ALA B 439 -15.65 35.64 -27.44
C ALA B 439 -15.79 35.49 -28.94
N SER B 440 -14.74 35.04 -29.62
CA SER B 440 -14.79 34.84 -31.05
C SER B 440 -15.33 33.48 -31.44
N ASN B 441 -15.48 32.57 -30.47
CA ASN B 441 -15.83 31.17 -30.73
C ASN B 441 -14.82 30.55 -31.68
N GLY B 442 -13.55 30.92 -31.52
CA GLY B 442 -12.47 30.34 -32.29
C GLY B 442 -12.04 31.16 -33.49
N ALA B 443 -12.84 32.14 -33.89
CA ALA B 443 -12.56 32.89 -35.11
C ALA B 443 -11.16 33.50 -35.14
N VAL B 444 -10.62 33.89 -33.98
CA VAL B 444 -9.31 34.51 -33.97
C VAL B 444 -8.22 33.52 -34.40
N LEU B 445 -8.42 32.24 -34.14
CA LEU B 445 -7.47 31.22 -34.58
C LEU B 445 -7.56 30.99 -36.10
#